data_4NJ7
#
_entry.id   4NJ7
#
_cell.length_a   150.936
_cell.length_b   150.936
_cell.length_c   184.236
_cell.angle_alpha   90.00
_cell.angle_beta   90.00
_cell.angle_gamma   120.00
#
_symmetry.space_group_name_H-M   'H 3'
#
_entity_poly.entity_id   1
_entity_poly.type   'polypeptide(L)'
_entity_poly.pdbx_seq_one_letter_code
;GSH(MSE)(MSE)RTYTAVQKRGSVGRSIDVNRYRGYDELRHDLAR(MSE)FGIEGQLEDPQTSDWKLVYVAHENAILLV
GDDPWEEFVNCVQSIKILSSAEVQQ(MSE)S
;
_entity_poly.pdbx_strand_id   A,B,C,D,E,F,G,H,I,J,K,L,M,N,O,P
#
# COMPACT_ATOMS: atom_id res chain seq x y z
N TYR A 8 -28.52 4.37 13.63
CA TYR A 8 -29.10 3.03 13.79
C TYR A 8 -29.59 2.34 12.55
N THR A 9 -29.75 1.03 12.61
CA THR A 9 -29.78 0.29 11.36
C THR A 9 -30.97 -0.67 11.29
N ALA A 10 -31.83 -0.57 10.25
CA ALA A 10 -32.98 -1.48 10.20
C ALA A 10 -32.59 -2.92 9.94
N VAL A 11 -33.24 -3.88 10.60
CA VAL A 11 -33.14 -5.30 10.19
C VAL A 11 -34.52 -5.89 9.93
N GLN A 12 -34.69 -6.48 8.79
CA GLN A 12 -35.99 -6.92 8.41
C GLN A 12 -35.94 -8.33 7.95
N LYS A 13 -37.05 -9.03 8.16
CA LYS A 13 -37.16 -10.47 7.83
C LYS A 13 -38.62 -10.62 7.57
N ARG A 14 -38.94 -11.24 6.45
CA ARG A 14 -40.32 -11.30 6.03
C ARG A 14 -41.17 -12.04 7.09
N GLY A 15 -42.36 -11.49 7.33
CA GLY A 15 -43.35 -12.06 8.28
C GLY A 15 -43.00 -11.83 9.75
N SER A 16 -42.00 -11.03 9.97
CA SER A 16 -41.63 -10.75 11.34
C SER A 16 -41.61 -9.24 11.40
N VAL A 17 -41.91 -8.73 12.59
CA VAL A 17 -41.76 -7.30 12.82
C VAL A 17 -40.28 -6.95 12.80
N GLY A 18 -39.96 -5.83 12.16
CA GLY A 18 -38.58 -5.41 11.97
C GLY A 18 -37.98 -4.79 13.20
N ARG A 19 -36.64 -4.76 13.29
CA ARG A 19 -35.91 -4.20 14.47
C ARG A 19 -34.84 -3.20 14.06
N SER A 20 -34.34 -2.45 15.00
CA SER A 20 -33.24 -1.54 14.69
C SER A 20 -32.14 -1.78 15.68
N ILE A 21 -30.93 -1.94 15.17
CA ILE A 21 -29.79 -2.16 16.05
C ILE A 21 -28.70 -1.13 15.84
N ASP A 22 -27.88 -0.90 16.86
CA ASP A 22 -26.69 -0.10 16.58
C ASP A 22 -25.53 -1.04 16.43
N VAL A 23 -25.04 -1.15 15.19
CA VAL A 23 -24.03 -2.18 14.95
C VAL A 23 -22.74 -2.05 15.81
N ASN A 24 -22.35 -0.86 16.19
CA ASN A 24 -21.15 -0.69 17.01
C ASN A 24 -21.21 -1.30 18.42
N ARG A 25 -22.37 -1.85 18.77
CA ARG A 25 -22.56 -2.51 20.04
C ARG A 25 -22.09 -3.91 19.93
N TYR A 26 -21.59 -4.24 18.75
CA TYR A 26 -20.97 -5.55 18.52
C TYR A 26 -19.49 -5.51 18.27
N ARG A 27 -18.79 -6.51 18.80
CA ARG A 27 -17.39 -6.79 18.47
C ARG A 27 -17.20 -7.22 17.02
N GLY A 28 -18.10 -8.07 16.51
CA GLY A 28 -17.97 -8.53 15.16
C GLY A 28 -19.14 -9.39 14.74
N TYR A 29 -18.89 -10.20 13.71
CA TYR A 29 -19.96 -10.77 12.96
C TYR A 29 -20.58 -11.87 13.82
N ASP A 30 -19.76 -12.56 14.61
CA ASP A 30 -20.23 -13.71 15.40
C ASP A 30 -21.27 -13.36 16.47
N GLU A 31 -21.02 -12.26 17.19
CA GLU A 31 -21.98 -11.65 18.05
C GLU A 31 -23.29 -11.19 17.36
N LEU A 32 -23.13 -10.48 16.25
CA LEU A 32 -24.23 -10.07 15.40
C LEU A 32 -25.12 -11.22 14.84
N ARG A 33 -24.52 -12.31 14.39
CA ARG A 33 -25.34 -13.39 13.91
C ARG A 33 -26.15 -14.00 15.02
N HIS A 34 -25.53 -14.16 16.17
CA HIS A 34 -26.24 -14.78 17.28
C HIS A 34 -27.41 -13.99 17.71
N ASP A 35 -27.08 -12.73 18.02
CA ASP A 35 -28.06 -11.81 18.53
C ASP A 35 -29.26 -11.63 17.55
N LEU A 36 -28.99 -11.45 16.26
CA LEU A 36 -30.07 -11.45 15.28
C LEU A 36 -30.84 -12.74 15.15
N ALA A 37 -30.18 -13.91 15.03
CA ALA A 37 -30.86 -15.20 15.16
C ALA A 37 -31.85 -15.28 16.39
N ARG A 38 -31.41 -14.87 17.58
CA ARG A 38 -32.27 -14.90 18.74
C ARG A 38 -33.46 -13.98 18.53
N MSE A 39 -33.18 -12.74 18.16
CA MSE A 39 -34.22 -11.74 18.00
C MSE A 39 -35.36 -12.12 17.09
O MSE A 39 -36.49 -11.67 17.27
CB MSE A 39 -33.66 -10.46 17.47
CG MSE A 39 -33.13 -9.52 18.48
SE MSE A 39 -32.60 -7.98 17.52
CE MSE A 39 -31.77 -7.05 19.10
N PHE A 40 -35.04 -12.92 16.09
CA PHE A 40 -36.08 -13.39 15.17
C PHE A 40 -36.38 -14.86 15.35
N GLY A 41 -36.28 -15.31 16.59
CA GLY A 41 -36.65 -16.66 16.96
C GLY A 41 -36.20 -17.74 16.01
N ILE A 42 -35.02 -17.55 15.43
CA ILE A 42 -34.34 -18.62 14.69
C ILE A 42 -32.89 -19.02 15.20
N GLU A 43 -32.76 -19.11 16.52
CA GLU A 43 -31.51 -19.47 17.18
C GLU A 43 -30.84 -20.60 16.43
N GLY A 44 -29.58 -20.38 16.11
CA GLY A 44 -28.72 -21.40 15.53
C GLY A 44 -28.90 -21.68 14.05
N GLN A 45 -29.57 -20.79 13.34
CA GLN A 45 -29.81 -21.06 11.92
C GLN A 45 -29.11 -20.04 11.09
N LEU A 46 -28.13 -19.35 11.64
CA LEU A 46 -27.34 -18.48 10.78
C LEU A 46 -25.84 -18.75 10.88
N GLU A 47 -25.44 -19.94 10.42
CA GLU A 47 -24.03 -20.31 10.32
C GLU A 47 -23.60 -20.82 8.93
N ASP A 48 -24.53 -20.90 7.98
CA ASP A 48 -24.26 -21.61 6.71
C ASP A 48 -24.02 -20.50 5.65
N TRP A 54 -31.95 -19.43 4.28
CA TRP A 54 -31.71 -18.36 5.22
C TRP A 54 -30.38 -17.69 4.95
N LYS A 55 -30.45 -16.45 4.51
CA LYS A 55 -29.24 -15.67 4.20
C LYS A 55 -29.19 -14.40 4.99
N LEU A 56 -28.04 -14.07 5.54
CA LEU A 56 -28.01 -12.81 6.23
C LEU A 56 -27.44 -11.68 5.35
N VAL A 57 -28.22 -10.88 4.70
CA VAL A 57 -27.61 -9.94 3.79
C VAL A 57 -27.67 -8.42 4.26
N TYR A 58 -26.89 -7.53 3.67
CA TYR A 58 -27.13 -6.13 3.99
C TYR A 58 -27.00 -5.45 2.67
N VAL A 59 -27.32 -4.13 2.68
CA VAL A 59 -27.27 -3.28 1.48
C VAL A 59 -26.33 -2.06 1.58
N ALA A 60 -25.57 -1.81 0.51
CA ALA A 60 -24.63 -0.69 0.49
C ALA A 60 -25.26 0.65 0.04
N ASN A 63 -26.84 0.37 -3.56
CA ASN A 63 -28.13 -0.34 -3.37
C ASN A 63 -28.08 -1.84 -3.72
N ALA A 64 -26.85 -2.27 -3.98
CA ALA A 64 -26.60 -3.67 -4.27
C ALA A 64 -26.66 -4.38 -2.96
N ILE A 65 -27.25 -5.55 -3.06
CA ILE A 65 -27.35 -6.47 -1.96
C ILE A 65 -26.16 -7.50 -1.75
N LEU A 66 -25.44 -7.40 -0.66
CA LEU A 66 -24.29 -8.21 -0.46
C LEU A 66 -24.55 -9.12 0.77
N LEU A 67 -23.73 -10.14 0.88
CA LEU A 67 -23.81 -11.15 1.95
C LEU A 67 -23.02 -10.68 3.16
N VAL A 68 -23.57 -10.84 4.34
CA VAL A 68 -22.95 -10.19 5.52
C VAL A 68 -21.79 -11.09 5.98
N GLY A 69 -20.57 -10.53 6.22
CA GLY A 69 -19.43 -11.30 6.64
C GLY A 69 -18.20 -11.24 5.74
N ASP A 70 -18.30 -10.77 4.49
CA ASP A 70 -17.16 -10.74 3.58
C ASP A 70 -16.19 -9.64 3.84
N ASP A 71 -16.70 -8.46 4.14
CA ASP A 71 -15.84 -7.34 4.40
C ASP A 71 -15.29 -7.37 5.75
N PRO A 72 -14.18 -6.66 5.96
CA PRO A 72 -13.73 -6.35 7.31
C PRO A 72 -14.83 -5.69 8.13
N TRP A 73 -14.94 -6.08 9.40
CA TRP A 73 -15.90 -5.53 10.34
C TRP A 73 -15.97 -4.02 10.31
N GLU A 74 -14.83 -3.43 10.49
CA GLU A 74 -14.67 -1.99 10.54
C GLU A 74 -15.21 -1.19 9.37
N GLU A 75 -15.09 -1.73 8.16
CA GLU A 75 -15.66 -1.13 6.94
C GLU A 75 -17.16 -1.39 6.86
N PHE A 76 -17.54 -2.61 7.24
CA PHE A 76 -18.95 -2.98 7.39
C PHE A 76 -19.79 -2.04 8.31
N VAL A 77 -19.26 -1.67 9.48
CA VAL A 77 -20.04 -0.81 10.32
C VAL A 77 -20.14 0.58 9.73
N ASN A 78 -19.23 0.95 8.83
CA ASN A 78 -19.18 2.30 8.27
C ASN A 78 -19.92 2.37 6.96
N CYS A 79 -20.40 1.22 6.51
CA CYS A 79 -21.00 1.14 5.19
C CYS A 79 -22.47 0.67 5.17
N VAL A 80 -22.89 0.04 6.25
CA VAL A 80 -24.14 -0.68 6.28
C VAL A 80 -25.34 0.26 6.49
N GLN A 81 -26.38 0.07 5.68
CA GLN A 81 -27.54 0.92 5.82
C GLN A 81 -28.76 0.14 6.24
N SER A 82 -28.90 -1.03 5.63
CA SER A 82 -30.00 -1.92 5.96
C SER A 82 -29.52 -3.34 6.06
N ILE A 83 -30.14 -4.14 6.92
CA ILE A 83 -29.84 -5.61 7.00
C ILE A 83 -31.13 -6.38 6.78
N LYS A 84 -31.05 -7.49 6.06
CA LYS A 84 -32.20 -8.32 5.87
C LYS A 84 -31.85 -9.76 6.13
N ILE A 85 -32.89 -10.45 6.57
CA ILE A 85 -32.79 -11.89 6.57
C ILE A 85 -33.67 -12.52 5.46
N LEU A 86 -33.01 -12.95 4.39
CA LEU A 86 -33.67 -13.54 3.25
C LEU A 86 -33.76 -15.01 3.32
N SER A 87 -34.92 -15.54 2.90
CA SER A 87 -35.09 -17.01 2.66
C SER A 87 -34.48 -17.53 1.32
N SER A 88 -34.18 -18.83 1.28
CA SER A 88 -33.71 -19.48 0.04
C SER A 88 -34.62 -19.08 -1.14
N ALA A 89 -35.91 -18.94 -0.82
CA ALA A 89 -36.93 -18.59 -1.77
C ALA A 89 -36.95 -17.11 -2.21
N GLU A 90 -36.46 -16.19 -1.39
CA GLU A 90 -36.52 -14.79 -1.75
C GLU A 90 -35.32 -14.33 -2.61
N VAL A 91 -34.32 -15.17 -2.72
CA VAL A 91 -33.13 -14.84 -3.50
C VAL A 91 -33.21 -15.39 -4.91
N TYR B 8 -4.95 8.66 11.05
CA TYR B 8 -3.86 8.31 12.04
C TYR B 8 -4.35 7.36 13.11
N THR B 9 -3.55 7.05 14.13
CA THR B 9 -3.91 5.98 15.05
C THR B 9 -3.90 6.53 16.44
N ALA B 10 -5.02 6.36 17.17
CA ALA B 10 -5.12 6.89 18.53
C ALA B 10 -4.34 6.05 19.61
N VAL B 11 -3.67 6.73 20.52
CA VAL B 11 -3.03 6.04 21.61
C VAL B 11 -3.57 6.63 22.87
N GLN B 12 -3.98 5.76 23.78
CA GLN B 12 -4.58 6.16 25.06
C GLN B 12 -3.93 5.53 26.21
N LYS B 13 -3.86 6.27 27.30
CA LYS B 13 -3.32 5.79 28.60
C LYS B 13 -4.17 6.42 29.65
N ARG B 14 -4.49 5.65 30.67
CA ARG B 14 -5.41 6.20 31.65
C ARG B 14 -4.82 7.38 32.42
N GLY B 15 -5.60 8.47 32.55
CA GLY B 15 -5.21 9.68 33.28
C GLY B 15 -4.40 10.69 32.50
N SER B 16 -4.16 10.35 31.24
CA SER B 16 -3.32 11.14 30.35
C SER B 16 -4.18 11.53 29.16
N VAL B 17 -3.86 12.67 28.57
CA VAL B 17 -4.46 13.08 27.34
C VAL B 17 -3.99 12.10 26.23
N GLY B 18 -4.90 11.66 25.35
CA GLY B 18 -4.48 10.66 24.41
C GLY B 18 -3.84 11.36 23.23
N ARG B 19 -3.13 10.57 22.41
CA ARG B 19 -2.37 11.07 21.25
C ARG B 19 -2.75 10.43 19.94
N SER B 20 -2.29 10.98 18.82
CA SER B 20 -2.49 10.30 17.55
C SER B 20 -1.21 10.24 16.84
N ILE B 21 -0.81 9.03 16.44
CA ILE B 21 0.44 8.85 15.67
C ILE B 21 0.23 8.16 14.31
N ASP B 22 1.02 8.57 13.33
CA ASP B 22 1.08 7.80 12.13
C ASP B 22 2.11 6.61 12.27
N VAL B 23 1.64 5.38 12.37
CA VAL B 23 2.65 4.34 12.60
C VAL B 23 3.68 4.13 11.45
N ASN B 24 3.37 4.58 10.25
CA ASN B 24 4.35 4.43 9.18
C ASN B 24 5.59 5.29 9.26
N ARG B 25 5.57 6.22 10.20
CA ARG B 25 6.73 7.02 10.51
C ARG B 25 7.78 6.06 11.03
N TYR B 26 7.34 5.07 11.80
CA TYR B 26 8.30 4.17 12.46
C TYR B 26 8.86 3.01 11.61
N ARG B 27 10.07 2.62 11.96
CA ARG B 27 10.75 1.51 11.31
C ARG B 27 10.41 0.19 12.01
N GLY B 28 10.12 0.28 13.28
CA GLY B 28 9.89 -0.93 14.00
C GLY B 28 9.40 -0.68 15.41
N TYR B 29 9.12 -1.79 16.11
CA TYR B 29 8.62 -1.75 17.48
C TYR B 29 9.45 -0.98 18.50
N ASP B 30 10.78 -1.03 18.39
CA ASP B 30 11.66 -0.24 19.25
C ASP B 30 11.53 1.28 19.22
N GLU B 31 11.63 1.83 18.03
CA GLU B 31 11.28 3.21 17.80
C GLU B 31 9.94 3.64 18.41
N LEU B 32 8.93 2.82 18.10
CA LEU B 32 7.61 3.01 18.65
C LEU B 32 7.53 3.01 20.23
N ARG B 33 8.11 2.01 20.85
CA ARG B 33 8.06 2.02 22.28
C ARG B 33 8.75 3.23 22.90
N HIS B 34 9.89 3.65 22.37
CA HIS B 34 10.59 4.82 22.89
C HIS B 34 9.78 6.07 22.81
N ASP B 35 9.42 6.39 21.58
CA ASP B 35 8.66 7.61 21.31
C ASP B 35 7.37 7.71 22.17
N LEU B 36 6.69 6.58 22.32
CA LEU B 36 5.52 6.51 23.14
C LEU B 36 5.85 6.72 24.59
N ALA B 37 6.84 5.99 25.08
CA ALA B 37 7.31 6.24 26.44
C ALA B 37 7.59 7.73 26.76
N ARG B 38 8.23 8.42 25.82
CA ARG B 38 8.52 9.82 25.96
C ARG B 38 7.26 10.67 25.98
N MSE B 39 6.48 10.59 24.92
CA MSE B 39 5.16 11.23 24.87
C MSE B 39 4.20 11.14 26.06
O MSE B 39 3.39 12.08 26.27
CB MSE B 39 4.36 10.61 23.76
CG MSE B 39 4.54 11.22 22.42
SE MSE B 39 3.59 10.17 21.09
CE MSE B 39 4.12 11.28 19.58
N PHE B 40 4.21 10.02 26.80
CA PHE B 40 3.41 9.88 28.03
C PHE B 40 4.25 9.98 29.30
N GLY B 41 5.41 10.65 29.17
CA GLY B 41 6.33 10.88 30.25
C GLY B 41 6.68 9.71 31.18
N ILE B 42 6.77 8.52 30.57
CA ILE B 42 7.27 7.31 31.26
C ILE B 42 8.51 6.69 30.55
N GLU B 43 9.49 7.56 30.28
CA GLU B 43 10.71 7.17 29.60
C GLU B 43 11.35 6.00 30.29
N GLY B 44 11.70 4.99 29.50
CA GLY B 44 12.34 3.81 30.03
C GLY B 44 11.46 2.79 30.75
N GLN B 45 10.15 2.79 30.49
CA GLN B 45 9.24 1.89 31.23
C GLN B 45 8.44 1.02 30.29
N LEU B 46 8.77 1.17 28.99
CA LEU B 46 8.02 0.50 27.93
C LEU B 46 8.85 -0.50 27.15
N TRP B 54 3.83 -1.90 33.09
CA TRP B 54 2.97 -1.40 31.94
C TRP B 54 2.85 -2.37 30.79
N LYS B 55 1.65 -2.67 30.34
CA LYS B 55 1.54 -3.51 29.15
C LYS B 55 1.06 -2.63 28.02
N LEU B 56 1.67 -2.81 26.86
CA LEU B 56 1.24 -2.08 25.66
C LEU B 56 0.45 -3.03 24.78
N VAL B 57 -0.76 -2.65 24.39
CA VAL B 57 -1.64 -3.54 23.68
C VAL B 57 -2.19 -2.76 22.53
N TYR B 58 -2.62 -3.50 21.52
CA TYR B 58 -3.13 -2.92 20.29
C TYR B 58 -4.44 -3.60 19.91
N VAL B 59 -5.31 -2.84 19.26
CA VAL B 59 -6.62 -3.31 18.93
C VAL B 59 -6.65 -3.62 17.47
N ALA B 60 -6.64 -4.92 17.11
CA ALA B 60 -6.81 -5.45 15.74
C ALA B 60 -8.28 -5.71 15.31
N HIS B 61 -8.50 -6.08 14.04
CA HIS B 61 -9.85 -6.22 13.54
C HIS B 61 -10.33 -7.63 13.74
N GLU B 62 -11.47 -7.76 14.41
CA GLU B 62 -12.19 -6.63 14.97
C GLU B 62 -12.52 -6.85 16.44
N ASN B 63 -12.51 -5.78 17.23
CA ASN B 63 -12.84 -5.84 18.65
C ASN B 63 -11.96 -6.80 19.45
N ALA B 64 -10.67 -6.84 19.13
CA ALA B 64 -9.71 -7.70 19.83
C ALA B 64 -8.51 -6.98 20.54
N ILE B 65 -8.13 -7.36 21.79
CA ILE B 65 -6.94 -6.77 22.41
C ILE B 65 -5.69 -7.68 22.29
N LEU B 66 -4.65 -7.17 21.59
CA LEU B 66 -3.44 -7.95 21.48
C LEU B 66 -2.23 -7.28 22.06
N LEU B 67 -1.23 -8.09 22.42
CA LEU B 67 0.02 -7.56 22.88
C LEU B 67 0.85 -7.02 21.68
N VAL B 68 1.31 -5.77 21.79
CA VAL B 68 2.04 -5.11 20.70
C VAL B 68 3.38 -5.79 20.60
N GLY B 69 3.73 -6.32 19.43
CA GLY B 69 5.12 -6.73 19.24
C GLY B 69 5.31 -8.19 18.85
N ASP B 70 4.20 -8.93 18.85
CA ASP B 70 4.18 -10.33 18.38
C ASP B 70 4.26 -10.48 16.87
N ASP B 71 3.41 -9.76 16.16
CA ASP B 71 3.34 -9.84 14.73
C ASP B 71 4.59 -9.18 14.14
N PRO B 72 4.91 -9.54 12.90
CA PRO B 72 5.85 -8.83 12.03
C PRO B 72 5.34 -7.42 11.92
N TRP B 73 6.25 -6.48 11.78
CA TRP B 73 5.95 -5.06 11.87
C TRP B 73 4.98 -4.68 10.78
N GLU B 74 5.22 -5.19 9.56
CA GLU B 74 4.46 -4.85 8.34
C GLU B 74 3.00 -5.18 8.40
N GLU B 75 2.67 -6.24 9.10
CA GLU B 75 1.30 -6.70 9.29
C GLU B 75 0.66 -5.88 10.36
N PHE B 76 1.43 -5.64 11.42
CA PHE B 76 1.03 -4.73 12.46
C PHE B 76 0.63 -3.31 12.01
N VAL B 77 1.42 -2.63 11.19
CA VAL B 77 0.94 -1.34 10.62
C VAL B 77 -0.30 -1.48 9.69
N ASN B 78 -0.54 -2.65 9.09
CA ASN B 78 -1.74 -2.82 8.26
C ASN B 78 -3.02 -3.21 9.04
N CYS B 79 -2.89 -3.45 10.36
CA CYS B 79 -3.97 -4.06 11.14
C CYS B 79 -4.40 -3.19 12.26
N VAL B 80 -3.53 -2.27 12.62
CA VAL B 80 -3.68 -1.57 13.91
C VAL B 80 -4.69 -0.38 13.94
N GLN B 81 -5.64 -0.40 14.86
CA GLN B 81 -6.69 0.60 14.84
C GLN B 81 -6.57 1.56 15.97
N SER B 82 -6.06 1.08 17.12
CA SER B 82 -5.96 1.83 18.38
C SER B 82 -4.86 1.17 19.16
N ILE B 83 -4.14 1.95 19.92
CA ILE B 83 -3.11 1.44 20.82
C ILE B 83 -3.42 1.91 22.25
N LYS B 84 -3.26 1.03 23.24
CA LYS B 84 -3.45 1.48 24.63
C LYS B 84 -2.25 1.11 25.48
N ILE B 85 -2.10 1.99 26.49
CA ILE B 85 -1.14 1.73 27.53
C ILE B 85 -1.86 1.34 28.79
N LEU B 86 -1.83 0.03 29.09
CA LEU B 86 -2.53 -0.51 30.29
C LEU B 86 -1.59 -0.71 31.49
N SER B 87 -2.11 -0.37 32.66
CA SER B 87 -1.47 -0.66 33.93
C SER B 87 -1.65 -2.15 34.20
N SER B 88 -0.84 -2.70 35.10
CA SER B 88 -0.96 -4.11 35.42
C SER B 88 -2.36 -4.34 35.97
N ALA B 89 -2.84 -3.38 36.77
CA ALA B 89 -4.18 -3.44 37.32
C ALA B 89 -5.27 -3.43 36.24
N GLU B 90 -5.11 -2.62 35.20
CA GLU B 90 -6.12 -2.53 34.16
C GLU B 90 -6.37 -3.87 33.50
N VAL B 91 -6.09 -4.95 34.25
CA VAL B 91 -6.28 -6.30 33.74
C VAL B 91 -7.32 -7.05 34.56
N GLN B 92 -8.29 -7.66 33.88
CA GLN B 92 -9.34 -8.40 34.55
C GLN B 92 -10.67 -8.28 33.79
N TYR C 8 14.85 12.99 3.33
CA TYR C 8 15.36 14.38 3.17
C TYR C 8 14.80 15.45 4.12
N THR C 9 15.43 16.60 4.17
CA THR C 9 15.23 17.45 5.36
C THR C 9 14.63 18.76 4.96
N ALA C 10 13.43 19.10 5.49
CA ALA C 10 12.84 20.38 5.09
C ALA C 10 13.65 21.60 5.57
N VAL C 11 13.74 22.68 4.77
CA VAL C 11 14.28 23.94 5.25
C VAL C 11 13.30 24.98 4.88
N GLN C 12 12.88 25.78 5.84
CA GLN C 12 11.81 26.75 5.60
C GLN C 12 12.13 28.08 6.12
N LYS C 13 11.71 29.11 5.41
CA LYS C 13 12.06 30.51 5.79
C LYS C 13 10.82 31.28 5.44
N ARG C 14 10.37 32.13 6.33
CA ARG C 14 9.10 32.70 6.13
C ARG C 14 9.12 33.63 4.95
N GLY C 15 8.00 33.64 4.19
CA GLY C 15 7.87 34.30 2.87
C GLY C 15 8.67 33.71 1.67
N SER C 16 9.41 32.64 1.87
CA SER C 16 10.13 32.06 0.79
C SER C 16 9.47 30.69 0.63
N VAL C 17 9.61 30.11 -0.57
CA VAL C 17 9.26 28.73 -0.84
C VAL C 17 10.31 27.85 -0.17
N GLY C 18 9.89 26.85 0.59
CA GLY C 18 10.86 26.07 1.31
C GLY C 18 11.59 25.09 0.40
N ARG C 19 12.62 24.45 0.97
CA ARG C 19 13.43 23.47 0.21
C ARG C 19 13.67 22.14 0.97
N SER C 20 14.21 21.14 0.27
CA SER C 20 14.64 19.91 0.95
C SER C 20 16.08 19.65 0.60
N ILE C 21 16.87 19.39 1.60
CA ILE C 21 18.24 19.04 1.34
C ILE C 21 18.62 17.73 2.00
N ASP C 22 19.54 16.99 1.37
CA ASP C 22 20.25 15.90 2.08
C ASP C 22 21.48 16.34 2.88
N VAL C 23 21.35 16.43 4.19
CA VAL C 23 22.46 16.99 4.97
C VAL C 23 23.79 16.22 4.81
N ASN C 24 23.78 14.94 4.49
CA ASN C 24 25.06 14.20 4.34
C ASN C 24 25.91 14.61 3.16
N ARG C 25 25.35 15.47 2.32
CA ARG C 25 26.07 16.01 1.20
C ARG C 25 26.95 17.15 1.64
N TYR C 26 26.93 17.42 2.95
CA TYR C 26 27.83 18.44 3.53
C TYR C 26 28.86 17.89 4.44
N ARG C 27 30.00 18.58 4.47
CA ARG C 27 31.10 18.15 5.30
C ARG C 27 30.95 18.77 6.65
N GLY C 28 30.32 19.94 6.71
CA GLY C 28 30.13 20.52 8.02
C GLY C 28 29.26 21.72 7.98
N TYR C 29 29.05 22.36 9.13
CA TYR C 29 28.24 23.57 9.25
C TYR C 29 28.52 24.76 8.30
N ASP C 30 29.77 25.05 7.95
CA ASP C 30 30.06 26.17 7.05
C ASP C 30 29.48 26.01 5.66
N GLU C 31 29.76 24.85 5.08
CA GLU C 31 29.24 24.45 3.80
C GLU C 31 27.71 24.61 3.78
N LEU C 32 27.08 24.07 4.82
CA LEU C 32 25.65 24.20 5.02
C LEU C 32 25.15 25.64 5.11
N ARG C 33 25.83 26.47 5.88
CA ARG C 33 25.44 27.86 6.04
C ARG C 33 25.51 28.60 4.72
N HIS C 34 26.55 28.33 3.94
CA HIS C 34 26.73 28.98 2.66
C HIS C 34 25.64 28.62 1.74
N ASP C 35 25.53 27.32 1.53
CA ASP C 35 24.63 26.79 0.52
C ASP C 35 23.17 27.22 0.76
N LEU C 36 22.79 27.20 2.04
CA LEU C 36 21.49 27.72 2.48
C LEU C 36 21.33 29.22 2.28
N ALA C 37 22.31 30.01 2.69
CA ALA C 37 22.30 31.45 2.38
C ALA C 37 22.04 31.70 0.91
N ARG C 38 22.75 31.02 0.02
CA ARG C 38 22.57 31.23 -1.38
C ARG C 38 21.17 30.86 -1.81
N MSE C 39 20.73 29.67 -1.42
CA MSE C 39 19.43 29.17 -1.83
C MSE C 39 18.29 30.10 -1.49
O MSE C 39 17.29 30.06 -2.14
CB MSE C 39 19.12 27.87 -1.13
CG MSE C 39 19.63 26.67 -1.77
SE MSE C 39 19.28 25.14 -0.60
CE MSE C 39 19.96 23.68 -1.86
N PHE C 40 18.40 30.88 -0.43
CA PHE C 40 17.31 31.73 0.01
C PHE C 40 17.68 33.18 -0.21
N GLY C 41 18.51 33.40 -1.24
CA GLY C 41 18.97 34.71 -1.66
C GLY C 41 19.33 35.66 -0.55
N ILE C 42 20.02 35.16 0.48
CA ILE C 42 20.61 36.03 1.47
C ILE C 42 22.10 35.77 1.68
N GLU C 43 22.86 35.65 0.58
CA GLU C 43 24.23 35.22 0.68
C GLU C 43 25.01 36.17 1.56
N GLY C 44 25.82 35.60 2.44
CA GLY C 44 26.61 36.34 3.38
C GLY C 44 25.90 36.84 4.62
N GLN C 45 24.75 36.27 4.96
CA GLN C 45 23.98 36.78 6.11
C GLN C 45 23.75 35.67 7.09
N LEU C 46 24.34 34.55 6.78
CA LEU C 46 24.27 33.43 7.69
C LEU C 46 25.70 33.03 8.10
N GLU C 47 26.69 33.86 7.80
CA GLU C 47 28.07 33.55 8.15
C GLU C 47 28.66 34.63 9.06
N ASP C 53 21.55 39.51 12.84
CA ASP C 53 21.37 38.62 11.69
C ASP C 53 20.03 37.82 11.76
N TRP C 54 20.07 36.70 11.03
CA TRP C 54 19.10 35.60 11.04
C TRP C 54 19.49 34.50 12.05
N LYS C 55 18.57 33.60 12.31
CA LYS C 55 18.88 32.56 13.25
C LYS C 55 18.68 31.33 12.43
N LEU C 56 19.70 30.47 12.39
CA LEU C 56 19.60 29.11 11.84
C LEU C 56 19.25 28.08 12.99
N VAL C 57 17.98 27.58 12.95
CA VAL C 57 17.47 26.68 14.02
C VAL C 57 17.12 25.27 13.47
N TYR C 58 17.21 24.26 14.33
CA TYR C 58 16.56 23.01 13.91
C TYR C 58 15.73 22.21 14.88
N VAL C 59 15.30 21.01 14.38
CA VAL C 59 14.35 20.17 15.11
C VAL C 59 14.68 18.64 15.06
N GLU C 62 13.64 15.09 18.86
CA GLU C 62 12.62 15.65 19.75
C GLU C 62 11.84 16.69 19.01
N ASN C 63 11.08 17.51 19.78
CA ASN C 63 10.39 18.72 19.25
C ASN C 63 10.97 20.17 19.63
N ALA C 64 12.05 20.18 20.39
CA ALA C 64 12.64 21.44 20.76
C ALA C 64 13.32 22.08 19.55
N ILE C 65 13.34 23.41 19.61
CA ILE C 65 14.06 24.18 18.64
C ILE C 65 15.45 24.52 19.17
N LEU C 66 16.47 24.10 18.41
CA LEU C 66 17.84 24.41 18.79
C LEU C 66 18.59 25.24 17.76
N LEU C 67 19.66 25.88 18.25
CA LEU C 67 20.56 26.64 17.37
C LEU C 67 21.49 25.75 16.55
N VAL C 68 21.55 25.92 15.25
CA VAL C 68 22.32 24.96 14.49
C VAL C 68 23.77 25.31 14.71
N GLY C 69 24.62 24.33 15.05
CA GLY C 69 26.05 24.59 15.11
C GLY C 69 26.65 24.22 16.42
N ASP C 70 25.85 24.04 17.44
CA ASP C 70 26.34 23.60 18.78
C ASP C 70 26.89 22.18 18.86
N ASP C 71 26.10 21.22 18.37
CA ASP C 71 26.45 19.81 18.40
C ASP C 71 27.57 19.54 17.44
N PRO C 72 28.33 18.44 17.69
CA PRO C 72 29.23 17.83 16.70
C PRO C 72 28.43 17.55 15.43
N TRP C 73 29.10 17.69 14.29
CA TRP C 73 28.43 17.58 13.03
C TRP C 73 27.69 16.25 12.90
N GLU C 74 28.41 15.16 13.18
CA GLU C 74 27.89 13.80 13.06
C GLU C 74 26.61 13.51 13.83
N GLU C 75 26.47 14.14 14.99
CA GLU C 75 25.29 13.93 15.82
C GLU C 75 24.15 14.70 15.22
N PHE C 76 24.56 15.86 14.71
CA PHE C 76 23.61 16.76 14.07
C PHE C 76 22.89 16.07 12.86
N VAL C 77 23.68 15.45 11.97
CA VAL C 77 23.09 14.73 10.85
C VAL C 77 22.28 13.50 11.30
N ASN C 78 22.59 12.90 12.44
CA ASN C 78 21.68 11.83 12.88
C ASN C 78 20.41 12.26 13.61
N CYS C 79 20.33 13.56 13.89
CA CYS C 79 19.28 14.05 14.75
C CYS C 79 18.30 14.96 14.07
N VAL C 80 18.70 15.50 12.94
CA VAL C 80 17.98 16.69 12.42
C VAL C 80 16.71 16.39 11.59
N GLN C 81 15.56 16.94 11.98
CA GLN C 81 14.36 16.63 11.25
C GLN C 81 13.91 17.76 10.35
N SER C 82 14.11 19.00 10.77
CA SER C 82 13.64 20.20 10.07
C SER C 82 14.60 21.31 10.40
N ILE C 83 14.92 22.11 9.41
CA ILE C 83 15.69 23.38 9.62
C ILE C 83 14.78 24.64 9.35
N LYS C 84 14.99 25.70 10.14
CA LYS C 84 14.31 26.94 9.84
C LYS C 84 15.26 28.07 9.90
N ILE C 85 15.11 29.00 8.96
CA ILE C 85 15.68 30.32 9.05
C ILE C 85 14.75 31.39 9.64
N LEU C 86 15.02 31.72 10.92
CA LEU C 86 14.21 32.66 11.76
C LEU C 86 14.78 34.07 11.72
N SER C 87 13.86 35.02 11.62
CA SER C 87 14.23 36.43 11.71
C SER C 87 14.30 36.81 13.19
N SER C 88 14.88 37.97 13.44
CA SER C 88 14.98 38.46 14.80
C SER C 88 13.60 38.62 15.43
N ALA C 89 12.66 39.00 14.58
CA ALA C 89 11.25 39.16 14.93
C ALA C 89 10.47 37.84 15.21
N GLU C 90 10.90 36.74 14.62
CA GLU C 90 10.20 35.51 14.80
C GLU C 90 10.64 34.78 16.03
N VAL C 91 11.74 35.26 16.63
CA VAL C 91 12.18 34.73 17.93
C VAL C 91 11.63 35.67 18.96
N GLN C 92 11.63 36.93 18.49
CA GLN C 92 10.95 37.92 19.25
C GLN C 92 9.51 37.48 19.57
N GLN C 93 8.83 36.90 18.61
CA GLN C 93 7.49 36.39 18.88
C GLN C 93 7.36 35.04 19.69
N MSE C 94 8.44 34.29 19.84
CA MSE C 94 8.33 33.02 20.53
C MSE C 94 8.10 33.21 22.01
O MSE C 94 8.62 34.16 22.60
CB MSE C 94 9.61 32.25 20.34
CG MSE C 94 9.93 31.84 18.90
SE MSE C 94 11.77 31.11 18.85
CE MSE C 94 11.63 29.47 20.05
N TYR D 8 -28.73 16.35 -5.59
CA TYR D 8 -28.47 16.88 -6.97
C TYR D 8 -27.49 18.08 -7.14
N THR D 9 -27.16 18.32 -8.38
CA THR D 9 -25.97 19.14 -8.64
C THR D 9 -26.23 20.33 -9.57
N ALA D 10 -25.94 21.55 -9.13
CA ALA D 10 -26.34 22.69 -9.97
C ALA D 10 -25.37 22.87 -11.12
N VAL D 11 -25.85 23.33 -12.28
CA VAL D 11 -24.94 23.63 -13.43
C VAL D 11 -25.34 24.96 -13.92
N GLN D 12 -24.38 25.86 -14.03
CA GLN D 12 -24.69 27.22 -14.37
C GLN D 12 -23.85 27.67 -15.51
N LYS D 13 -24.40 28.59 -16.30
CA LYS D 13 -23.65 29.15 -17.44
C LYS D 13 -24.17 30.54 -17.52
N ARG D 14 -23.29 31.50 -17.72
CA ARG D 14 -23.67 32.88 -17.60
C ARG D 14 -24.61 33.24 -18.73
N GLY D 15 -25.64 34.00 -18.38
CA GLY D 15 -26.70 34.41 -19.30
C GLY D 15 -27.64 33.30 -19.75
N SER D 16 -27.57 32.16 -19.10
CA SER D 16 -28.53 31.12 -19.34
C SER D 16 -29.16 30.79 -18.01
N VAL D 17 -30.33 30.15 -18.05
CA VAL D 17 -30.97 29.73 -16.81
C VAL D 17 -30.27 28.45 -16.41
N GLY D 18 -29.97 28.33 -15.11
CA GLY D 18 -29.25 27.17 -14.62
C GLY D 18 -30.10 25.91 -14.52
N ARG D 19 -29.39 24.80 -14.35
CA ARG D 19 -30.09 23.48 -14.29
C ARG D 19 -29.60 22.66 -13.14
N SER D 20 -30.30 21.57 -12.86
CA SER D 20 -29.81 20.64 -11.86
C SER D 20 -29.85 19.24 -12.38
N ILE D 21 -28.74 18.56 -12.23
CA ILE D 21 -28.70 17.26 -12.78
C ILE D 21 -28.33 16.21 -11.70
N ASP D 22 -28.75 14.95 -11.88
CA ASP D 22 -28.18 13.87 -11.04
C ASP D 22 -27.03 13.20 -11.78
N VAL D 23 -25.79 13.48 -11.35
CA VAL D 23 -24.62 12.92 -12.08
C VAL D 23 -24.55 11.40 -12.21
N ASN D 24 -25.25 10.65 -11.37
CA ASN D 24 -25.19 9.22 -11.52
C ASN D 24 -26.02 8.67 -12.65
N ARG D 25 -26.79 9.54 -13.30
CA ARG D 25 -27.58 9.11 -14.43
C ARG D 25 -26.56 8.61 -15.44
N TYR D 26 -25.42 9.27 -15.45
CA TYR D 26 -24.44 9.13 -16.52
C TYR D 26 -23.40 8.03 -16.28
N ARG D 27 -22.88 7.54 -17.40
CA ARG D 27 -21.90 6.47 -17.36
C ARG D 27 -20.54 7.07 -17.27
N GLY D 28 -20.36 8.26 -17.85
CA GLY D 28 -19.07 8.93 -17.79
C GLY D 28 -19.10 10.27 -18.45
N TYR D 29 -17.93 10.89 -18.57
CA TYR D 29 -17.76 12.25 -18.99
C TYR D 29 -18.32 12.56 -20.35
N ASP D 30 -18.27 11.61 -21.27
CA ASP D 30 -18.79 11.87 -22.64
C ASP D 30 -20.29 12.13 -22.72
N GLU D 31 -21.04 11.23 -22.11
CA GLU D 31 -22.46 11.39 -21.95
C GLU D 31 -22.81 12.74 -21.34
N LEU D 32 -22.18 13.03 -20.19
CA LEU D 32 -22.35 14.30 -19.49
C LEU D 32 -22.07 15.51 -20.38
N ARG D 33 -20.91 15.58 -21.05
CA ARG D 33 -20.67 16.70 -21.91
C ARG D 33 -21.76 16.90 -22.98
N HIS D 34 -22.16 15.82 -23.62
CA HIS D 34 -23.10 15.96 -24.70
C HIS D 34 -24.34 16.57 -24.17
N ASP D 35 -24.86 15.92 -23.14
CA ASP D 35 -26.15 16.27 -22.58
C ASP D 35 -26.13 17.72 -22.09
N LEU D 36 -25.05 18.10 -21.44
CA LEU D 36 -24.88 19.48 -21.05
C LEU D 36 -24.84 20.47 -22.22
N ALA D 37 -23.97 20.20 -23.19
CA ALA D 37 -23.95 20.97 -24.42
C ALA D 37 -25.34 21.19 -25.02
N ARG D 38 -26.16 20.13 -25.10
CA ARG D 38 -27.52 20.22 -25.62
C ARG D 38 -28.36 21.13 -24.76
N MSE D 39 -28.33 20.88 -23.45
CA MSE D 39 -29.14 21.62 -22.50
C MSE D 39 -28.95 23.10 -22.54
O MSE D 39 -29.91 23.87 -22.29
CB MSE D 39 -28.79 21.16 -21.13
CG MSE D 39 -29.69 20.06 -20.65
SE MSE D 39 -29.08 19.47 -18.96
CE MSE D 39 -30.45 18.21 -18.46
N PHE D 40 -27.75 23.51 -22.87
CA PHE D 40 -27.43 24.93 -22.94
C PHE D 40 -27.35 25.44 -24.34
N GLY D 41 -28.01 24.75 -25.26
CA GLY D 41 -27.97 25.09 -26.67
C GLY D 41 -26.62 25.40 -27.32
N ILE D 42 -25.58 24.64 -26.93
CA ILE D 42 -24.30 24.70 -27.59
C ILE D 42 -23.80 23.31 -28.12
N TRP D 54 -14.82 27.84 -24.91
CA TRP D 54 -15.50 27.46 -23.64
C TRP D 54 -14.79 26.38 -22.82
N LYS D 55 -15.16 26.32 -21.54
CA LYS D 55 -14.62 25.35 -20.55
C LYS D 55 -15.74 24.83 -19.64
N LEU D 56 -15.64 23.56 -19.31
CA LEU D 56 -16.57 22.91 -18.44
C LEU D 56 -15.84 22.46 -17.20
N VAL D 57 -16.19 23.14 -16.10
CA VAL D 57 -15.38 23.14 -14.89
C VAL D 57 -16.33 22.81 -13.77
N TYR D 58 -15.79 22.33 -12.66
CA TYR D 58 -16.55 22.09 -11.42
C TYR D 58 -15.70 22.41 -10.22
N VAL D 59 -16.20 22.01 -9.05
CA VAL D 59 -15.71 22.53 -7.74
C VAL D 59 -15.59 21.43 -6.67
N ASN D 63 -12.47 24.19 -2.16
CA ASN D 63 -13.23 25.09 -3.05
C ASN D 63 -12.56 25.36 -4.41
N ALA D 64 -11.59 24.53 -4.77
CA ALA D 64 -10.84 24.78 -5.98
C ALA D 64 -11.80 24.58 -7.11
N ILE D 65 -11.80 25.52 -8.03
CA ILE D 65 -12.31 25.23 -9.38
C ILE D 65 -11.41 24.34 -10.30
N LEU D 66 -11.94 23.21 -10.70
CA LEU D 66 -11.12 22.23 -11.43
C LEU D 66 -11.74 21.87 -12.78
N LEU D 67 -10.87 21.49 -13.71
CA LEU D 67 -11.38 21.12 -15.01
C LEU D 67 -12.08 19.74 -14.97
N VAL D 68 -13.24 19.64 -15.60
CA VAL D 68 -14.03 18.43 -15.49
C VAL D 68 -13.46 17.45 -16.48
N GLY D 69 -13.24 16.20 -16.02
CA GLY D 69 -12.61 15.18 -16.85
C GLY D 69 -11.27 14.63 -16.39
N ASP D 70 -10.55 15.30 -15.49
CA ASP D 70 -9.27 14.77 -15.02
C ASP D 70 -9.33 13.54 -14.12
N ASP D 71 -10.24 13.58 -13.16
CA ASP D 71 -10.38 12.53 -12.17
C ASP D 71 -11.09 11.39 -12.79
N PRO D 72 -10.85 10.19 -12.23
CA PRO D 72 -11.68 9.01 -12.52
C PRO D 72 -13.12 9.33 -12.21
N TRP D 73 -14.00 8.76 -13.03
CA TRP D 73 -15.40 9.10 -13.01
C TRP D 73 -15.97 8.94 -11.63
N GLU D 74 -15.68 7.79 -11.04
CA GLU D 74 -16.24 7.37 -9.79
C GLU D 74 -15.91 8.33 -8.67
N GLU D 75 -14.75 8.97 -8.74
CA GLU D 75 -14.35 9.89 -7.71
C GLU D 75 -15.05 11.23 -7.92
N PHE D 76 -15.17 11.52 -9.20
CA PHE D 76 -15.82 12.71 -9.65
C PHE D 76 -17.25 12.77 -9.13
N VAL D 77 -18.02 11.67 -9.30
CA VAL D 77 -19.45 11.71 -8.86
C VAL D 77 -19.61 11.88 -7.32
N ASN D 78 -18.65 11.35 -6.57
CA ASN D 78 -18.66 11.48 -5.14
C ASN D 78 -18.14 12.81 -4.62
N CYS D 79 -17.53 13.62 -5.48
CA CYS D 79 -16.88 14.86 -5.01
C CYS D 79 -17.46 16.18 -5.47
N VAL D 80 -18.28 16.12 -6.49
CA VAL D 80 -18.67 17.31 -7.27
C VAL D 80 -19.80 18.01 -6.55
N GLN D 81 -19.68 19.32 -6.37
CA GLN D 81 -20.80 20.06 -5.76
C GLN D 81 -21.54 21.01 -6.72
N SER D 82 -20.79 21.58 -7.63
CA SER D 82 -21.31 22.50 -8.62
C SER D 82 -20.56 22.37 -9.95
N ILE D 83 -21.29 22.47 -11.06
CA ILE D 83 -20.59 22.49 -12.38
C ILE D 83 -20.84 23.81 -13.08
N LYS D 84 -19.83 24.43 -13.68
CA LYS D 84 -20.05 25.68 -14.42
C LYS D 84 -19.55 25.55 -15.84
N ILE D 85 -20.25 26.22 -16.71
CA ILE D 85 -19.70 26.43 -18.02
C ILE D 85 -19.17 27.86 -18.21
N LEU D 86 -17.83 27.96 -18.29
CA LEU D 86 -17.10 29.21 -18.32
C LEU D 86 -16.62 29.49 -19.69
N SER D 87 -16.76 30.76 -20.07
CA SER D 87 -16.18 31.27 -21.32
C SER D 87 -14.69 31.54 -21.21
N SER D 88 -14.02 31.62 -22.34
CA SER D 88 -12.60 31.97 -22.40
C SER D 88 -12.34 33.31 -21.63
N ALA D 89 -13.31 34.20 -21.68
CA ALA D 89 -13.25 35.46 -20.95
C ALA D 89 -13.40 35.38 -19.40
N GLU D 90 -14.19 34.44 -18.87
CA GLU D 90 -14.46 34.37 -17.43
C GLU D 90 -13.33 33.74 -16.59
N VAL D 91 -12.38 33.09 -17.26
CA VAL D 91 -11.19 32.63 -16.57
C VAL D 91 -10.19 33.78 -16.76
N TYR E 8 -6.37 11.37 -6.84
CA TYR E 8 -5.48 12.26 -7.68
C TYR E 8 -4.93 13.57 -7.11
N THR E 9 -4.21 14.32 -7.97
CA THR E 9 -3.49 15.50 -7.50
C THR E 9 -3.88 16.80 -8.20
N ALA E 10 -4.41 17.77 -7.44
CA ALA E 10 -4.76 19.03 -8.11
C ALA E 10 -3.52 19.90 -8.46
N VAL E 11 -3.68 20.66 -9.52
CA VAL E 11 -2.65 21.54 -9.99
C VAL E 11 -3.34 22.83 -10.37
N GLN E 12 -2.91 23.90 -9.75
CA GLN E 12 -3.58 25.16 -9.92
C GLN E 12 -2.57 26.18 -10.37
N LYS E 13 -3.05 27.16 -11.10
CA LYS E 13 -2.28 28.27 -11.55
C LYS E 13 -3.27 29.45 -11.58
N ARG E 14 -2.89 30.58 -11.02
CA ARG E 14 -3.85 31.64 -10.98
C ARG E 14 -4.32 32.12 -12.35
N GLY E 15 -5.66 32.33 -12.51
CA GLY E 15 -6.26 32.82 -13.74
C GLY E 15 -6.46 31.72 -14.79
N SER E 16 -6.13 30.48 -14.39
CA SER E 16 -6.34 29.33 -15.28
C SER E 16 -7.21 28.31 -14.55
N VAL E 17 -7.95 27.50 -15.31
CA VAL E 17 -8.81 26.51 -14.74
C VAL E 17 -7.92 25.42 -14.28
N GLY E 18 -8.06 25.00 -13.01
CA GLY E 18 -7.16 23.97 -12.45
C GLY E 18 -7.27 22.59 -13.10
N ARG E 19 -6.24 21.78 -12.92
CA ARG E 19 -6.27 20.37 -13.47
C ARG E 19 -5.89 19.25 -12.51
N SER E 20 -6.27 18.00 -12.77
CA SER E 20 -5.83 16.95 -11.85
C SER E 20 -5.03 15.94 -12.60
N ILE E 21 -3.89 15.58 -12.04
CA ILE E 21 -3.07 14.57 -12.70
C ILE E 21 -2.78 13.44 -11.78
N ASP E 22 -2.64 12.24 -12.35
CA ASP E 22 -2.00 11.14 -11.61
C ASP E 22 -0.45 11.14 -11.69
N VAL E 23 0.26 11.54 -10.64
CA VAL E 23 1.72 11.68 -10.78
C VAL E 23 2.51 10.42 -11.16
N ASN E 24 1.92 9.24 -10.97
CA ASN E 24 2.63 8.01 -11.29
C ASN E 24 2.74 7.73 -12.78
N ARG E 25 2.03 8.53 -13.57
CA ARG E 25 2.10 8.37 -15.00
C ARG E 25 3.55 8.61 -15.35
N TYR E 26 4.15 9.53 -14.61
CA TYR E 26 5.44 10.13 -14.99
C TYR E 26 6.63 9.37 -14.43
N ARG E 27 7.71 9.42 -15.18
CA ARG E 27 8.96 8.82 -14.82
C ARG E 27 9.74 9.72 -13.92
N GLY E 28 9.55 11.04 -14.02
CA GLY E 28 10.42 11.93 -13.29
C GLY E 28 10.06 13.36 -13.47
N TYR E 29 10.78 14.26 -12.86
CA TYR E 29 10.39 15.64 -12.89
C TYR E 29 10.36 16.30 -14.27
N ASP E 30 11.19 15.86 -15.22
CA ASP E 30 11.23 16.53 -16.51
C ASP E 30 9.93 16.40 -17.29
N GLU E 31 9.50 15.15 -17.41
CA GLU E 31 8.24 14.78 -18.03
C GLU E 31 7.07 15.56 -17.45
N LEU E 32 7.06 15.62 -16.12
CA LEU E 32 6.17 16.50 -15.32
C LEU E 32 6.17 18.01 -15.75
N ARG E 33 7.34 18.63 -15.66
CA ARG E 33 7.43 20.01 -16.07
C ARG E 33 6.92 20.27 -17.45
N HIS E 34 7.25 19.39 -18.41
CA HIS E 34 6.82 19.59 -19.79
C HIS E 34 5.36 19.56 -19.91
N ASP E 35 4.81 18.45 -19.44
CA ASP E 35 3.38 18.18 -19.60
C ASP E 35 2.54 19.26 -18.92
N LEU E 36 2.95 19.65 -17.72
CA LEU E 36 2.31 20.77 -17.08
C LEU E 36 2.42 22.10 -17.89
N ALA E 37 3.63 22.48 -18.29
CA ALA E 37 3.84 23.66 -19.11
C ALA E 37 2.86 23.72 -20.27
N ARG E 38 2.71 22.58 -20.96
CA ARG E 38 1.80 22.45 -22.09
C ARG E 38 0.35 22.62 -21.69
N MSE E 39 -0.06 21.91 -20.64
CA MSE E 39 -1.41 22.04 -20.12
C MSE E 39 -1.91 23.44 -19.73
O MSE E 39 -3.10 23.71 -19.75
CB MSE E 39 -1.51 21.23 -18.89
CG MSE E 39 -1.98 19.84 -19.09
SE MSE E 39 -1.92 18.89 -17.30
CE MSE E 39 -2.56 17.19 -17.97
N PHE E 40 -1.03 24.29 -19.27
CA PHE E 40 -1.39 25.63 -18.89
C PHE E 40 -0.86 26.61 -19.95
N GLY E 41 -0.65 26.12 -21.18
CA GLY E 41 -0.18 26.94 -22.30
C GLY E 41 0.97 27.90 -21.99
N ILE E 42 1.96 27.43 -21.21
CA ILE E 42 3.24 28.12 -21.08
C ILE E 42 4.47 27.26 -21.44
N GLU E 43 4.42 26.64 -22.63
CA GLU E 43 5.45 25.73 -23.15
C GLU E 43 6.79 26.40 -23.05
N GLY E 44 7.75 25.69 -22.49
CA GLY E 44 9.09 26.20 -22.37
C GLY E 44 9.38 27.25 -21.31
N GLN E 45 8.49 27.40 -20.34
CA GLN E 45 8.73 28.38 -19.30
C GLN E 45 8.84 27.75 -17.94
N LEU E 46 8.83 26.42 -17.87
CA LEU E 46 8.87 25.64 -16.63
C LEU E 46 9.98 24.67 -16.74
N GLU E 47 10.46 24.40 -17.93
CA GLU E 47 11.42 23.33 -17.94
C GLU E 47 12.82 23.79 -17.45
N ASP E 48 12.93 25.00 -16.86
CA ASP E 48 14.18 25.50 -16.25
C ASP E 48 15.30 25.70 -17.37
N THR E 51 16.96 31.10 -12.96
CA THR E 51 16.35 30.23 -14.00
C THR E 51 14.95 30.71 -14.63
N SER E 52 13.89 30.49 -13.87
CA SER E 52 12.60 30.49 -14.51
C SER E 52 11.69 31.59 -13.99
N ASP E 53 10.68 31.89 -14.79
CA ASP E 53 9.70 32.91 -14.57
C ASP E 53 8.55 32.52 -13.58
N TRP E 54 8.27 31.22 -13.48
CA TRP E 54 7.27 30.66 -12.58
C TRP E 54 8.07 29.83 -11.62
N LYS E 55 7.43 29.46 -10.48
CA LYS E 55 8.00 28.45 -9.58
C LYS E 55 6.92 27.43 -9.48
N LEU E 56 7.31 26.19 -9.62
CA LEU E 56 6.37 25.10 -9.41
C LEU E 56 6.52 24.78 -7.92
N VAL E 57 5.47 24.74 -7.16
CA VAL E 57 5.64 24.50 -5.72
C VAL E 57 4.60 23.45 -5.28
N TYR E 58 4.88 22.60 -4.29
CA TYR E 58 3.89 21.57 -3.90
C TYR E 58 3.53 21.63 -2.43
N VAL E 59 2.63 20.77 -1.94
CA VAL E 59 2.27 20.75 -0.49
C VAL E 59 2.29 19.31 0.06
N ALA E 60 2.14 19.15 1.41
CA ALA E 60 2.24 17.89 2.13
C ALA E 60 2.00 18.08 3.64
N ALA E 64 2.26 23.99 4.35
CA ALA E 64 3.65 23.57 4.14
C ALA E 64 4.23 23.56 2.63
N ILE E 65 4.64 24.72 2.04
CA ILE E 65 4.98 24.84 0.58
C ILE E 65 6.45 24.60 0.17
N LEU E 66 6.67 23.70 -0.77
CA LEU E 66 8.05 23.34 -1.18
C LEU E 66 8.32 23.42 -2.69
N LEU E 67 9.57 23.70 -3.04
CA LEU E 67 9.93 23.79 -4.45
C LEU E 67 9.95 22.39 -5.07
N VAL E 68 9.20 22.13 -6.15
CA VAL E 68 9.11 20.80 -6.73
C VAL E 68 10.43 20.47 -7.38
N GLY E 69 11.00 19.29 -7.01
CA GLY E 69 12.16 18.80 -7.66
C GLY E 69 13.37 18.69 -6.77
N ASP E 70 13.20 18.93 -5.46
CA ASP E 70 14.34 18.76 -4.56
C ASP E 70 14.47 17.35 -4.05
N ASP E 71 13.31 16.72 -3.82
CA ASP E 71 13.24 15.39 -3.25
C ASP E 71 13.45 14.42 -4.36
N PRO E 72 13.98 13.20 -4.07
CA PRO E 72 13.94 12.02 -4.92
C PRO E 72 12.50 11.85 -5.41
N TRP E 73 12.34 11.42 -6.66
CA TRP E 73 11.06 11.33 -7.33
C TRP E 73 10.10 10.44 -6.56
N GLU E 74 10.61 9.31 -6.11
CA GLU E 74 9.79 8.30 -5.49
C GLU E 74 9.20 8.75 -4.23
N GLU E 75 9.90 9.64 -3.52
CA GLU E 75 9.38 10.21 -2.26
C GLU E 75 8.37 11.28 -2.57
N PHE E 76 8.68 12.05 -3.57
CA PHE E 76 7.77 13.02 -4.14
C PHE E 76 6.40 12.46 -4.47
N VAL E 77 6.30 11.46 -5.31
CA VAL E 77 4.97 10.89 -5.59
C VAL E 77 4.22 10.32 -4.34
N ASN E 78 4.94 9.91 -3.30
CA ASN E 78 4.26 9.45 -2.08
C ASN E 78 3.89 10.56 -1.08
N CYS E 79 4.21 11.82 -1.41
CA CYS E 79 4.10 12.88 -0.40
C CYS E 79 3.26 14.02 -0.89
N VAL E 80 3.09 14.05 -2.21
CA VAL E 80 2.46 15.21 -2.79
C VAL E 80 0.92 15.28 -2.66
N GLN E 81 0.40 16.42 -2.16
CA GLN E 81 -1.06 16.64 -2.13
C GLN E 81 -1.64 17.65 -3.14
N SER E 82 -0.91 18.72 -3.32
CA SER E 82 -1.29 19.78 -4.25
C SER E 82 -0.03 20.36 -4.94
N ILE E 83 -0.07 20.63 -6.23
CA ILE E 83 0.94 21.40 -6.94
C ILE E 83 0.38 22.79 -7.38
N LYS E 84 1.23 23.79 -7.35
CA LYS E 84 0.86 25.15 -7.75
C LYS E 84 1.87 25.72 -8.69
N ILE E 85 1.37 26.53 -9.61
CA ILE E 85 2.22 27.26 -10.46
C ILE E 85 2.18 28.74 -10.06
N LEU E 86 3.20 29.12 -9.31
CA LEU E 86 3.29 30.48 -8.78
C LEU E 86 4.07 31.46 -9.70
N SER E 87 3.57 32.72 -9.74
CA SER E 87 4.28 33.78 -10.41
C SER E 87 5.30 34.41 -9.45
N SER E 88 6.20 35.21 -10.01
CA SER E 88 7.21 35.87 -9.21
C SER E 88 6.54 36.76 -8.25
N ALA E 89 5.35 37.21 -8.63
CA ALA E 89 4.60 38.10 -7.77
C ALA E 89 3.78 37.44 -6.67
N GLU E 90 3.42 36.17 -6.82
CA GLU E 90 2.65 35.50 -5.77
C GLU E 90 3.49 34.98 -4.60
N VAL E 91 4.82 34.91 -4.75
CA VAL E 91 5.68 34.55 -3.60
C VAL E 91 6.06 35.86 -2.84
N THR F 7 5.33 -42.49 -7.53
CA THR F 7 6.42 -41.98 -8.39
C THR F 7 6.03 -40.58 -8.78
N TYR F 8 7.09 -39.83 -9.04
CA TYR F 8 7.11 -38.46 -9.50
C TYR F 8 6.99 -38.33 -11.01
N THR F 9 6.84 -37.08 -11.41
CA THR F 9 6.60 -36.65 -12.76
C THR F 9 7.77 -35.77 -13.22
N ALA F 10 8.43 -36.17 -14.30
CA ALA F 10 9.57 -35.42 -14.74
C ALA F 10 9.12 -34.10 -15.39
N VAL F 11 9.91 -33.06 -15.17
CA VAL F 11 9.75 -31.77 -15.79
C VAL F 11 11.07 -31.36 -16.36
N GLN F 12 11.11 -31.07 -17.65
CA GLN F 12 12.35 -30.76 -18.31
C GLN F 12 12.24 -29.45 -19.00
N LYS F 13 13.38 -28.84 -19.26
CA LYS F 13 13.46 -27.53 -19.88
C LYS F 13 14.88 -27.47 -20.41
N ARG F 14 14.98 -27.10 -21.69
CA ARG F 14 16.27 -27.14 -22.35
C ARG F 14 17.29 -26.23 -21.68
N GLY F 15 18.53 -26.73 -21.59
CA GLY F 15 19.64 -26.08 -20.85
C GLY F 15 19.60 -26.06 -19.29
N SER F 16 18.56 -26.68 -18.76
CA SER F 16 18.37 -26.70 -17.33
C SER F 16 18.30 -28.18 -16.92
N VAL F 17 18.77 -28.45 -15.70
CA VAL F 17 18.70 -29.78 -15.13
C VAL F 17 17.28 -29.95 -14.83
N GLY F 18 16.82 -31.17 -15.12
CA GLY F 18 15.41 -31.55 -14.99
C GLY F 18 14.97 -31.74 -13.57
N ARG F 19 13.67 -31.72 -13.32
CA ARG F 19 13.16 -31.89 -11.98
C ARG F 19 12.06 -32.95 -11.90
N SER F 20 11.67 -33.41 -10.72
CA SER F 20 10.56 -34.33 -10.62
C SER F 20 9.67 -33.75 -9.59
N ILE F 21 8.39 -33.78 -9.81
CA ILE F 21 7.46 -33.23 -8.82
C ILE F 21 6.33 -34.18 -8.59
N ASP F 22 5.75 -34.16 -7.39
CA ASP F 22 4.49 -34.87 -7.24
C ASP F 22 3.32 -33.94 -7.56
N VAL F 23 2.62 -34.12 -8.68
CA VAL F 23 1.55 -33.17 -9.01
C VAL F 23 0.41 -33.06 -8.01
N ASN F 24 0.20 -34.07 -7.17
CA ASN F 24 -0.89 -34.00 -6.18
C ASN F 24 -0.64 -33.09 -5.04
N ARG F 25 0.57 -32.56 -4.97
CA ARG F 25 0.87 -31.56 -3.97
C ARG F 25 -0.06 -30.39 -4.25
N TYR F 26 -0.30 -30.17 -5.54
CA TYR F 26 -0.85 -28.89 -6.04
C TYR F 26 -2.39 -28.94 -6.12
N ARG F 27 -2.97 -27.76 -5.94
CA ARG F 27 -4.39 -27.60 -5.87
C ARG F 27 -4.86 -27.40 -7.26
N GLY F 28 -4.03 -26.80 -8.10
CA GLY F 28 -4.45 -26.51 -9.48
C GLY F 28 -3.39 -25.87 -10.33
N TYR F 29 -3.77 -25.41 -11.52
CA TYR F 29 -2.77 -24.95 -12.50
C TYR F 29 -1.90 -23.79 -12.10
N ASP F 30 -2.47 -22.83 -11.38
CA ASP F 30 -1.72 -21.64 -10.96
C ASP F 30 -0.51 -21.94 -10.08
N GLU F 31 -0.76 -22.74 -9.02
CA GLU F 31 0.26 -23.15 -8.04
C GLU F 31 1.40 -23.78 -8.77
N LEU F 32 1.03 -24.67 -9.69
CA LEU F 32 1.96 -25.41 -10.48
C LEU F 32 2.80 -24.52 -11.33
N ARG F 33 2.17 -23.54 -11.98
CA ARG F 33 2.88 -22.60 -12.85
C ARG F 33 3.90 -21.74 -12.09
N HIS F 34 3.53 -21.26 -10.92
CA HIS F 34 4.46 -20.49 -10.09
C HIS F 34 5.64 -21.28 -9.68
N ASP F 35 5.34 -22.40 -9.07
CA ASP F 35 6.34 -23.26 -8.49
C ASP F 35 7.38 -23.74 -9.52
N LEU F 36 6.88 -24.26 -10.61
CA LEU F 36 7.72 -24.49 -11.77
C LEU F 36 8.56 -23.31 -12.26
N ALA F 37 7.93 -22.14 -12.51
CA ALA F 37 8.61 -20.88 -12.84
C ALA F 37 9.81 -20.53 -11.88
N ARG F 38 9.60 -20.71 -10.58
CA ARG F 38 10.63 -20.48 -9.60
C ARG F 38 11.75 -21.52 -9.67
N MSE F 39 11.35 -22.78 -9.75
CA MSE F 39 12.32 -23.85 -9.90
C MSE F 39 13.23 -23.75 -11.10
O MSE F 39 14.30 -24.35 -11.12
CB MSE F 39 11.63 -25.16 -10.08
CG MSE F 39 11.36 -25.93 -8.85
SE MSE F 39 10.16 -27.43 -9.20
CE MSE F 39 9.88 -28.07 -7.40
N PHE F 40 12.79 -23.08 -12.15
CA PHE F 40 13.65 -22.96 -13.30
C PHE F 40 14.10 -21.53 -13.49
N GLY F 41 14.21 -20.82 -12.38
CA GLY F 41 14.64 -19.44 -12.36
C GLY F 41 14.06 -18.57 -13.44
N ILE F 42 12.76 -18.72 -13.77
CA ILE F 42 12.04 -17.83 -14.69
C ILE F 42 10.75 -17.24 -14.12
N GLU F 43 10.84 -16.81 -12.86
CA GLU F 43 9.71 -16.25 -12.13
C GLU F 43 8.96 -15.21 -12.97
N GLY F 44 7.65 -15.36 -13.01
CA GLY F 44 6.76 -14.46 -13.71
C GLY F 44 6.78 -14.57 -15.23
N GLN F 45 7.20 -15.71 -15.79
CA GLN F 45 7.19 -15.89 -17.25
C GLN F 45 6.35 -17.13 -17.68
N LEU F 46 5.87 -17.86 -16.68
CA LEU F 46 5.11 -19.08 -16.88
C LEU F 46 3.66 -18.85 -16.49
N GLU F 47 3.33 -17.59 -16.20
CA GLU F 47 1.99 -17.26 -15.77
C GLU F 47 1.16 -16.83 -16.97
N ASP F 48 0.06 -17.55 -17.19
CA ASP F 48 -0.84 -17.27 -18.33
C ASP F 48 -1.91 -18.38 -18.39
N ASP F 53 4.39 -16.46 -22.28
CA ASP F 53 5.71 -16.40 -22.89
C ASP F 53 6.38 -17.72 -23.50
N TRP F 54 6.77 -18.68 -22.65
CA TRP F 54 7.09 -20.04 -23.01
C TRP F 54 5.89 -21.01 -22.98
N LYS F 55 5.85 -22.00 -23.89
CA LYS F 55 4.76 -23.01 -23.87
C LYS F 55 5.03 -24.06 -22.80
N LEU F 56 4.02 -24.24 -21.94
CA LEU F 56 4.03 -25.36 -20.98
C LEU F 56 3.25 -26.58 -21.48
N VAL F 57 3.93 -27.45 -22.24
CA VAL F 57 3.37 -28.70 -22.75
C VAL F 57 3.46 -29.90 -21.70
N TYR F 58 2.65 -30.92 -21.89
CA TYR F 58 2.90 -32.12 -21.10
C TYR F 58 2.54 -33.30 -21.94
N VAL F 59 2.98 -34.51 -21.51
CA VAL F 59 3.08 -35.77 -22.29
C VAL F 59 2.14 -36.82 -21.68
N ALA F 60 1.22 -37.33 -22.51
CA ALA F 60 0.20 -38.30 -22.09
C ALA F 60 0.24 -39.54 -23.04
N ALA F 64 2.57 -37.98 -27.19
CA ALA F 64 1.36 -37.18 -27.28
C ALA F 64 1.51 -35.87 -26.50
N ILE F 65 1.91 -34.82 -27.19
CA ILE F 65 2.10 -33.46 -26.55
C ILE F 65 0.89 -32.44 -26.46
N LEU F 66 0.55 -32.02 -25.24
CA LEU F 66 -0.59 -31.16 -25.11
C LEU F 66 -0.26 -29.96 -24.30
N LEU F 67 -1.11 -28.93 -24.44
CA LEU F 67 -0.86 -27.68 -23.78
C LEU F 67 -1.39 -27.86 -22.40
N VAL F 68 -0.59 -27.49 -21.39
CA VAL F 68 -1.00 -27.66 -19.99
C VAL F 68 -2.10 -26.66 -19.61
N GLY F 69 -3.16 -27.19 -19.00
CA GLY F 69 -4.15 -26.27 -18.52
C GLY F 69 -5.45 -26.24 -19.28
N ASP F 70 -5.62 -27.06 -20.31
CA ASP F 70 -6.94 -27.21 -20.98
C ASP F 70 -7.95 -28.13 -20.27
N ASP F 71 -7.45 -29.25 -19.75
CA ASP F 71 -8.24 -30.24 -19.07
C ASP F 71 -8.49 -29.76 -17.69
N PRO F 72 -9.57 -30.27 -17.08
CA PRO F 72 -9.83 -30.16 -15.64
C PRO F 72 -8.61 -30.75 -14.91
N TRP F 73 -8.35 -30.14 -13.77
CA TRP F 73 -7.19 -30.45 -13.00
C TRP F 73 -7.15 -31.91 -12.66
N GLU F 74 -8.29 -32.45 -12.19
CA GLU F 74 -8.40 -33.83 -11.71
C GLU F 74 -8.09 -34.88 -12.77
N GLU F 75 -8.39 -34.56 -14.02
CA GLU F 75 -8.09 -35.44 -15.15
C GLU F 75 -6.60 -35.37 -15.51
N PHE F 76 -6.14 -34.14 -15.59
CA PHE F 76 -4.71 -33.82 -15.69
C PHE F 76 -3.76 -34.57 -14.76
N VAL F 77 -4.02 -34.55 -13.45
CA VAL F 77 -3.19 -35.35 -12.51
C VAL F 77 -3.27 -36.88 -12.74
N ASN F 78 -4.35 -37.37 -13.32
CA ASN F 78 -4.43 -38.79 -13.56
C ASN F 78 -3.87 -39.21 -14.92
N CYS F 79 -3.40 -38.24 -15.72
CA CYS F 79 -3.02 -38.55 -17.11
C CYS F 79 -1.61 -38.21 -17.43
N VAL F 80 -1.02 -37.38 -16.59
CA VAL F 80 0.23 -36.68 -16.91
C VAL F 80 1.47 -37.54 -16.67
N GLN F 81 2.31 -37.67 -17.69
CA GLN F 81 3.51 -38.50 -17.59
C GLN F 81 4.73 -37.63 -17.55
N SER F 82 4.72 -36.60 -18.37
CA SER F 82 5.93 -35.77 -18.41
C SER F 82 5.49 -34.31 -18.66
N ILE F 83 6.14 -33.37 -18.02
CA ILE F 83 5.93 -31.98 -18.36
C ILE F 83 7.19 -31.34 -19.04
N LYS F 84 6.97 -30.47 -20.03
CA LYS F 84 8.09 -29.75 -20.65
C LYS F 84 7.84 -28.27 -20.73
N ILE F 85 8.93 -27.52 -20.53
CA ILE F 85 8.92 -26.10 -20.79
C ILE F 85 9.63 -25.87 -22.10
N LEU F 86 8.84 -25.52 -23.12
CA LEU F 86 9.34 -25.31 -24.52
C LEU F 86 9.50 -23.83 -24.77
N SER F 87 10.52 -23.48 -25.54
CA SER F 87 10.70 -22.11 -26.01
C SER F 87 9.89 -21.90 -27.27
N SER F 88 9.70 -20.65 -27.69
CA SER F 88 9.02 -20.35 -28.95
C SER F 88 9.69 -21.01 -30.14
N ALA F 89 11.00 -21.17 -30.00
CA ALA F 89 11.83 -21.82 -31.01
C ALA F 89 11.76 -23.34 -31.07
N GLU F 90 11.40 -23.97 -29.96
CA GLU F 90 11.36 -25.43 -29.90
C GLU F 90 10.06 -25.97 -30.47
N VAL F 91 9.04 -25.12 -30.54
CA VAL F 91 7.78 -25.50 -31.17
C VAL F 91 7.86 -25.40 -32.71
N GLN F 92 8.78 -24.62 -33.27
CA GLN F 92 8.92 -24.69 -34.72
C GLN F 92 9.28 -26.12 -35.13
N GLN F 93 10.33 -26.57 -34.48
CA GLN F 93 11.05 -27.73 -34.90
C GLN F 93 10.33 -29.09 -34.76
N MSE F 94 9.34 -29.21 -33.89
CA MSE F 94 8.49 -30.40 -33.86
C MSE F 94 8.19 -31.15 -35.21
O MSE F 94 8.25 -30.60 -36.34
CB MSE F 94 7.18 -30.07 -33.14
CG MSE F 94 7.40 -29.77 -31.67
SE MSE F 94 5.82 -29.19 -30.52
CE MSE F 94 5.05 -30.92 -30.06
N TYR G 8 33.37 -2.30 19.58
CA TYR G 8 32.89 -3.23 18.52
C TYR G 8 32.88 -4.68 18.92
N THR G 9 31.88 -5.39 18.39
CA THR G 9 31.47 -6.73 18.81
C THR G 9 31.39 -7.72 17.63
N ALA G 10 32.20 -8.81 17.67
CA ALA G 10 32.10 -9.87 16.66
C ALA G 10 30.75 -10.65 16.60
N VAL G 11 30.23 -10.91 15.41
CA VAL G 11 29.06 -11.77 15.23
C VAL G 11 29.38 -12.81 14.23
N GLN G 12 29.25 -14.07 14.62
CA GLN G 12 29.65 -15.19 13.79
C GLN G 12 28.52 -16.13 13.58
N LYS G 13 28.52 -16.74 12.43
CA LYS G 13 27.48 -17.71 12.13
C LYS G 13 28.20 -18.71 11.27
N ARG G 14 27.91 -19.99 11.51
CA ARG G 14 28.66 -21.02 10.82
C ARG G 14 28.39 -20.96 9.33
N GLY G 15 29.50 -21.13 8.57
CA GLY G 15 29.53 -21.11 7.11
C GLY G 15 29.30 -19.71 6.52
N SER G 16 29.36 -18.70 7.37
CA SER G 16 29.23 -17.36 6.87
C SER G 16 30.48 -16.68 7.34
N VAL G 17 30.95 -15.72 6.56
CA VAL G 17 31.91 -14.75 7.03
C VAL G 17 31.32 -13.92 8.19
N GLY G 18 32.12 -13.78 9.24
CA GLY G 18 31.73 -13.04 10.43
C GLY G 18 31.76 -11.53 10.26
N ARG G 19 31.04 -10.82 11.12
CA ARG G 19 30.87 -9.37 10.98
C ARG G 19 31.15 -8.67 12.32
N SER G 20 31.34 -7.33 12.31
CA SER G 20 31.44 -6.58 13.57
C SER G 20 30.43 -5.48 13.59
N ILE G 21 29.77 -5.30 14.73
CA ILE G 21 28.77 -4.25 14.89
C ILE G 21 28.98 -3.40 16.15
N ASP G 22 28.57 -2.16 16.08
CA ASP G 22 28.58 -1.44 17.32
C ASP G 22 27.20 -1.54 17.95
N VAL G 23 27.04 -2.27 19.09
CA VAL G 23 25.67 -2.48 19.60
C VAL G 23 24.94 -1.21 20.03
N ASN G 24 25.66 -0.13 20.30
CA ASN G 24 24.95 1.10 20.75
C ASN G 24 24.18 1.82 19.64
N ARG G 25 24.37 1.32 18.42
CA ARG G 25 23.73 1.88 17.25
C ARG G 25 22.35 1.34 17.16
N TYR G 26 21.99 0.55 18.17
CA TYR G 26 20.60 -0.02 18.33
C TYR G 26 19.92 0.45 19.61
N ARG G 27 18.61 0.44 19.43
CA ARG G 27 17.67 0.96 20.40
C ARG G 27 17.34 -0.21 21.27
N GLY G 28 17.30 -1.35 20.64
CA GLY G 28 17.02 -2.56 21.38
C GLY G 28 17.03 -3.86 20.59
N TYR G 29 16.54 -4.93 21.23
CA TYR G 29 16.68 -6.27 20.65
C TYR G 29 15.95 -6.51 19.32
N ASP G 30 14.85 -5.82 19.02
CA ASP G 30 14.22 -6.02 17.72
C ASP G 30 15.08 -5.54 16.59
N GLU G 31 15.56 -4.31 16.72
CA GLU G 31 16.36 -3.67 15.72
C GLU G 31 17.53 -4.59 15.41
N LEU G 32 18.14 -5.09 16.50
CA LEU G 32 19.28 -5.99 16.46
C LEU G 32 18.99 -7.27 15.72
N ARG G 33 17.84 -7.88 16.01
CA ARG G 33 17.53 -9.11 15.35
C ARG G 33 17.24 -8.93 13.88
N HIS G 34 16.63 -7.82 13.52
CA HIS G 34 16.37 -7.54 12.10
C HIS G 34 17.65 -7.37 11.33
N ASP G 35 18.41 -6.39 11.78
CA ASP G 35 19.65 -6.04 11.12
C ASP G 35 20.61 -7.23 10.97
N LEU G 36 20.70 -8.01 12.05
CA LEU G 36 21.45 -9.26 12.00
C LEU G 36 20.89 -10.21 10.96
N ALA G 37 19.58 -10.50 11.07
CA ALA G 37 18.91 -11.36 10.09
C ALA G 37 19.21 -11.01 8.60
N ARG G 38 19.19 -9.71 8.30
CA ARG G 38 19.49 -9.21 6.97
C ARG G 38 20.93 -9.44 6.57
N MSE G 39 21.83 -9.05 7.47
CA MSE G 39 23.25 -9.24 7.21
C MSE G 39 23.76 -10.63 6.86
O MSE G 39 24.76 -10.77 6.17
CB MSE G 39 23.99 -8.86 8.43
CG MSE G 39 24.23 -7.41 8.54
SE MSE G 39 25.31 -7.15 10.19
CE MSE G 39 25.71 -5.18 9.89
N PHE G 40 23.12 -11.65 7.42
CA PHE G 40 23.47 -13.06 7.18
C PHE G 40 22.48 -13.75 6.20
N GLY G 41 21.79 -12.95 5.38
CA GLY G 41 20.84 -13.50 4.42
C GLY G 41 19.75 -14.49 4.91
N ILE G 42 19.27 -14.34 6.14
CA ILE G 42 18.15 -15.14 6.61
C ILE G 42 17.10 -14.24 7.25
N GLU G 43 16.41 -13.47 6.42
CA GLU G 43 15.40 -12.52 6.91
C GLU G 43 14.18 -13.22 7.50
N GLY G 44 13.72 -12.71 8.64
CA GLY G 44 12.52 -13.21 9.28
C GLY G 44 12.76 -14.49 10.05
N GLN G 45 14.02 -14.92 10.08
CA GLN G 45 14.40 -16.14 10.76
C GLN G 45 14.87 -15.88 12.20
N LEU G 46 14.91 -14.61 12.58
CA LEU G 46 15.46 -14.23 13.93
C LEU G 46 14.58 -13.55 15.01
N TRP G 54 16.92 -20.65 14.68
CA TRP G 54 18.21 -20.16 15.10
C TRP G 54 18.20 -19.67 16.53
N LYS G 55 19.20 -20.03 17.31
CA LYS G 55 19.40 -19.40 18.62
C LYS G 55 20.41 -18.35 18.38
N LEU G 56 20.05 -17.17 18.79
CA LEU G 56 20.97 -16.00 18.88
C LEU G 56 21.59 -15.83 20.33
N VAL G 57 22.88 -16.21 20.48
CA VAL G 57 23.59 -16.34 21.79
C VAL G 57 24.70 -15.29 21.97
N TYR G 58 25.12 -15.03 23.18
CA TYR G 58 26.20 -14.11 23.30
C TYR G 58 27.15 -14.50 24.42
N VAL G 59 28.32 -13.81 24.55
CA VAL G 59 29.38 -14.20 25.54
C VAL G 59 29.65 -13.03 26.55
N ALA G 60 29.95 -13.39 27.82
CA ALA G 60 30.31 -12.50 28.96
C ALA G 60 31.87 -12.21 29.18
N ASN G 63 32.56 -15.11 31.21
CA ASN G 63 32.61 -15.90 29.93
C ASN G 63 31.75 -17.22 29.89
N ALA G 64 30.55 -17.15 29.30
CA ALA G 64 29.53 -18.20 29.32
C ALA G 64 28.57 -17.92 28.16
N ILE G 65 27.78 -18.88 27.70
CA ILE G 65 26.89 -18.60 26.59
C ILE G 65 25.45 -18.30 27.02
N LEU G 66 24.95 -17.13 26.63
CA LEU G 66 23.56 -16.80 27.01
C LEU G 66 22.60 -16.49 25.87
N LEU G 67 21.30 -16.78 26.08
CA LEU G 67 20.27 -16.37 25.12
C LEU G 67 20.14 -14.84 25.05
N VAL G 68 20.27 -14.28 23.86
CA VAL G 68 20.16 -12.85 23.71
C VAL G 68 18.69 -12.36 23.91
N GLY G 69 18.46 -11.43 24.83
CA GLY G 69 17.14 -10.87 24.94
C GLY G 69 16.48 -11.07 26.30
N ASP G 70 17.22 -11.72 27.19
CA ASP G 70 16.72 -11.90 28.54
C ASP G 70 17.03 -10.73 29.42
N ASP G 71 18.24 -10.21 29.30
CA ASP G 71 18.63 -9.07 30.11
C ASP G 71 18.00 -7.82 29.58
N PRO G 72 17.87 -6.79 30.45
CA PRO G 72 17.54 -5.43 30.00
C PRO G 72 18.63 -4.98 29.01
N TRP G 73 18.21 -4.14 28.06
CA TRP G 73 19.02 -3.75 26.94
C TRP G 73 20.33 -3.10 27.38
N GLU G 74 20.23 -2.14 28.29
CA GLU G 74 21.37 -1.36 28.79
C GLU G 74 22.46 -2.22 29.43
N GLU G 75 22.07 -3.29 30.09
CA GLU G 75 23.01 -4.19 30.74
C GLU G 75 23.68 -5.09 29.69
N PHE G 76 22.85 -5.58 28.78
CA PHE G 76 23.33 -6.27 27.59
C PHE G 76 24.41 -5.57 26.73
N VAL G 77 24.21 -4.30 26.33
CA VAL G 77 25.31 -3.52 25.70
C VAL G 77 26.50 -3.26 26.65
N ASN G 78 26.34 -3.28 27.97
CA ASN G 78 27.57 -3.15 28.74
C ASN G 78 28.37 -4.45 28.98
N CYS G 79 27.76 -5.58 28.60
CA CYS G 79 28.31 -6.87 29.01
C CYS G 79 28.70 -7.76 27.87
N VAL G 80 28.30 -7.39 26.67
CA VAL G 80 28.35 -8.32 25.53
C VAL G 80 29.70 -8.34 24.85
N GLN G 81 30.30 -9.50 24.68
CA GLN G 81 31.62 -9.55 24.08
C GLN G 81 31.62 -10.13 22.71
N SER G 82 30.78 -11.13 22.52
CA SER G 82 30.65 -11.82 21.21
C SER G 82 29.19 -12.24 21.02
N ILE G 83 28.74 -12.28 19.79
CA ILE G 83 27.39 -12.75 19.51
C ILE G 83 27.48 -13.90 18.54
N LYS G 84 26.65 -14.95 18.66
CA LYS G 84 26.67 -16.04 17.67
C LYS G 84 25.28 -16.45 17.19
N ILE G 85 25.25 -16.87 15.94
CA ILE G 85 24.01 -17.38 15.44
C ILE G 85 24.15 -18.87 15.28
N LEU G 86 23.61 -19.55 16.29
CA LEU G 86 23.63 -21.02 16.32
C LEU G 86 22.38 -21.63 15.66
N SER G 87 22.63 -22.76 14.99
CA SER G 87 21.59 -23.65 14.46
C SER G 87 21.07 -24.61 15.51
N SER G 88 19.96 -25.25 15.20
CA SER G 88 19.41 -26.22 16.15
C SER G 88 20.37 -27.34 16.41
N ALA G 89 21.20 -27.60 15.42
CA ALA G 89 22.18 -28.64 15.50
C ALA G 89 23.42 -28.30 16.35
N GLU G 90 23.75 -27.02 16.44
CA GLU G 90 25.00 -26.65 17.08
C GLU G 90 24.82 -26.63 18.59
N VAL G 91 23.56 -26.61 18.99
CA VAL G 91 23.23 -26.69 20.39
C VAL G 91 23.21 -28.14 20.94
N GLN G 92 23.09 -29.17 20.10
CA GLN G 92 23.42 -30.52 20.63
C GLN G 92 24.89 -30.58 20.98
N GLN G 93 25.08 -30.91 22.26
CA GLN G 93 26.35 -31.21 22.91
C GLN G 93 27.30 -30.02 23.03
N MSE G 94 26.76 -28.83 23.19
CA MSE G 94 27.61 -27.66 23.15
C MSE G 94 28.90 -27.69 23.98
O MSE G 94 29.93 -27.12 23.61
CB MSE G 94 26.79 -26.47 23.54
CG MSE G 94 25.68 -26.25 22.61
SE MSE G 94 24.89 -24.57 23.09
CE MSE G 94 26.35 -23.32 22.79
N TYR H 8 24.15 4.49 -35.32
CA TYR H 8 23.57 4.58 -33.99
C TYR H 8 24.39 5.51 -33.09
N THR H 9 24.36 5.25 -31.79
CA THR H 9 25.10 6.06 -30.82
C THR H 9 25.71 5.24 -29.69
N ALA H 10 27.06 5.26 -29.53
CA ALA H 10 27.76 4.44 -28.54
C ALA H 10 27.47 4.89 -27.11
N VAL H 11 27.30 3.96 -26.20
CA VAL H 11 27.21 4.30 -24.82
C VAL H 11 28.24 3.48 -24.09
N GLN H 12 29.07 4.15 -23.32
CA GLN H 12 30.13 3.48 -22.61
C GLN H 12 30.12 3.80 -21.14
N LYS H 13 30.56 2.85 -20.36
CA LYS H 13 30.65 2.98 -18.92
C LYS H 13 31.83 2.12 -18.51
N ARG H 14 32.72 2.65 -17.71
CA ARG H 14 33.95 1.89 -17.49
C ARG H 14 33.68 0.54 -16.80
N GLY H 15 34.52 -0.46 -17.16
CA GLY H 15 34.38 -1.87 -16.75
C GLY H 15 33.12 -2.65 -17.17
N SER H 16 32.36 -2.05 -18.10
CA SER H 16 31.20 -2.67 -18.73
C SER H 16 31.44 -2.66 -20.25
N VAL H 17 30.87 -3.65 -20.91
CA VAL H 17 30.91 -3.76 -22.37
C VAL H 17 29.98 -2.67 -22.81
N GLY H 18 30.38 -1.97 -23.84
CA GLY H 18 29.52 -0.84 -24.28
C GLY H 18 28.34 -1.28 -25.15
N ARG H 19 27.41 -0.35 -25.35
CA ARG H 19 26.18 -0.62 -26.11
C ARG H 19 25.90 0.44 -27.20
N SER H 20 25.02 0.18 -28.15
CA SER H 20 24.66 1.21 -29.12
C SER H 20 23.17 1.31 -29.12
N ILE H 21 22.67 2.53 -29.01
CA ILE H 21 21.22 2.74 -29.04
C ILE H 21 20.85 3.73 -30.11
N ASP H 22 19.65 3.61 -30.64
CA ASP H 22 19.12 4.67 -31.49
C ASP H 22 18.33 5.63 -30.59
N VAL H 23 18.80 6.87 -30.41
CA VAL H 23 18.11 7.80 -29.53
C VAL H 23 16.67 8.19 -29.94
N ASN H 24 16.33 8.08 -31.21
CA ASN H 24 14.98 8.44 -31.62
C ASN H 24 13.91 7.48 -31.17
N ARG H 25 14.33 6.39 -30.57
CA ARG H 25 13.42 5.39 -30.06
C ARG H 25 13.01 5.78 -28.67
N TYR H 26 13.50 6.94 -28.23
CA TYR H 26 13.03 7.59 -26.99
C TYR H 26 12.29 8.92 -27.16
N ARG H 27 11.37 9.15 -26.22
CA ARG H 27 10.50 10.32 -26.21
C ARG H 27 11.24 11.45 -25.51
N GLY H 28 12.06 11.12 -24.54
CA GLY H 28 12.77 12.14 -23.79
C GLY H 28 13.79 11.57 -22.81
N TYR H 29 14.40 12.44 -22.05
CA TYR H 29 15.47 12.05 -21.13
C TYR H 29 15.11 11.05 -20.07
N ASP H 30 13.86 10.96 -19.64
CA ASP H 30 13.58 10.01 -18.56
C ASP H 30 13.60 8.58 -19.02
N GLU H 31 12.93 8.34 -20.14
CA GLU H 31 12.97 7.06 -20.81
C GLU H 31 14.44 6.60 -20.97
N LEU H 32 15.24 7.45 -21.61
CA LEU H 32 16.65 7.24 -21.79
C LEU H 32 17.39 6.90 -20.49
N ARG H 33 17.23 7.66 -19.44
CA ARG H 33 17.90 7.28 -18.23
C ARG H 33 17.50 5.94 -17.68
N HIS H 34 16.23 5.61 -17.73
CA HIS H 34 15.83 4.32 -17.22
C HIS H 34 16.46 3.20 -17.99
N ASP H 35 16.22 3.23 -19.27
CA ASP H 35 16.62 2.16 -20.14
C ASP H 35 18.13 1.92 -20.02
N LEU H 36 18.90 3.01 -20.10
CA LEU H 36 20.32 2.92 -19.86
C LEU H 36 20.66 2.33 -18.50
N ALA H 37 20.16 2.90 -17.40
CA ALA H 37 20.37 2.33 -16.07
C ALA H 37 20.15 0.82 -16.02
N ARG H 38 19.10 0.34 -16.69
CA ARG H 38 18.82 -1.07 -16.73
C ARG H 38 19.89 -1.80 -17.51
N MSE H 39 20.17 -1.29 -18.71
CA MSE H 39 21.22 -1.88 -19.57
C MSE H 39 22.63 -2.08 -18.96
O MSE H 39 23.38 -2.95 -19.40
CB MSE H 39 21.43 -1.04 -20.75
CG MSE H 39 20.58 -1.42 -21.90
SE MSE H 39 20.90 -0.12 -23.35
CE MSE H 39 19.58 -0.65 -24.60
N PHE H 40 22.99 -1.25 -18.00
CA PHE H 40 24.25 -1.40 -17.33
C PHE H 40 24.05 -1.87 -15.89
N GLY H 41 22.97 -2.61 -15.65
CA GLY H 41 22.69 -3.10 -14.30
C GLY H 41 22.87 -2.14 -13.10
N ILE H 42 22.47 -0.88 -13.26
CA ILE H 42 22.43 0.09 -12.17
C ILE H 42 21.04 0.77 -12.03
N GLU H 43 19.97 -0.02 -12.13
CA GLU H 43 18.59 0.43 -12.01
C GLU H 43 18.44 1.38 -10.84
N GLY H 44 17.80 2.52 -11.10
CA GLY H 44 17.53 3.49 -10.09
C GLY H 44 18.73 4.27 -9.64
N GLN H 45 19.79 4.29 -10.44
CA GLN H 45 20.98 5.10 -10.08
C GLN H 45 21.24 6.26 -11.06
N LEU H 46 20.39 6.35 -12.09
CA LEU H 46 20.56 7.40 -13.08
C LEU H 46 19.52 8.45 -12.91
N TRP H 54 26.72 8.94 -10.00
CA TRP H 54 27.17 8.97 -11.43
C TRP H 54 26.88 10.30 -12.05
N LYS H 55 27.28 10.52 -13.30
CA LYS H 55 26.83 11.65 -14.14
C LYS H 55 26.71 11.14 -15.57
N LEU H 56 25.63 11.48 -16.23
CA LEU H 56 25.44 11.04 -17.61
C LEU H 56 25.94 12.14 -18.59
N VAL H 57 27.06 11.90 -19.27
CA VAL H 57 27.64 12.91 -20.14
C VAL H 57 27.45 12.53 -21.62
N TYR H 58 27.68 13.47 -22.53
CA TYR H 58 27.79 13.14 -23.93
C TYR H 58 28.74 14.05 -24.57
N VAL H 59 28.88 13.86 -25.88
CA VAL H 59 29.82 14.62 -26.67
C VAL H 59 29.07 15.63 -27.53
N ALA H 64 34.18 17.82 -27.06
CA ALA H 64 33.44 18.62 -26.05
C ALA H 64 32.40 17.86 -25.14
N ILE H 65 32.71 17.51 -23.86
CA ILE H 65 31.78 16.80 -22.91
C ILE H 65 30.69 17.62 -22.15
N LEU H 66 29.45 17.21 -22.29
CA LEU H 66 28.33 17.94 -21.71
C LEU H 66 27.40 17.07 -20.86
N LEU H 67 26.70 17.67 -19.91
CA LEU H 67 25.88 16.89 -19.00
C LEU H 67 24.59 16.56 -19.78
N VAL H 68 24.13 15.33 -19.75
CA VAL H 68 22.94 14.95 -20.54
C VAL H 68 21.73 15.49 -19.82
N GLY H 69 20.91 16.29 -20.52
CA GLY H 69 19.61 16.68 -20.02
C GLY H 69 19.40 18.15 -19.98
N ASP H 70 20.41 18.94 -20.35
CA ASP H 70 20.25 20.44 -20.36
C ASP H 70 19.49 20.95 -21.58
N ASP H 71 19.96 20.59 -22.77
CA ASP H 71 19.34 20.99 -24.01
C ASP H 71 18.01 20.29 -24.29
N PRO H 72 17.10 21.00 -24.96
CA PRO H 72 15.84 20.42 -25.43
C PRO H 72 16.17 19.08 -26.07
N TRP H 73 15.22 18.16 -25.95
CA TRP H 73 15.41 16.81 -26.40
C TRP H 73 15.76 16.78 -27.88
N GLU H 74 14.96 17.54 -28.65
CA GLU H 74 15.03 17.58 -30.11
C GLU H 74 16.37 18.01 -30.64
N GLU H 75 17.04 18.89 -29.91
CA GLU H 75 18.37 19.38 -30.28
C GLU H 75 19.41 18.37 -29.86
N PHE H 76 19.12 17.76 -28.72
CA PHE H 76 19.94 16.66 -28.22
C PHE H 76 20.06 15.45 -29.16
N VAL H 77 18.94 14.93 -29.65
CA VAL H 77 18.98 13.86 -30.68
C VAL H 77 19.71 14.22 -32.02
N ASN H 78 19.77 15.50 -32.38
CA ASN H 78 20.48 15.95 -33.60
C ASN H 78 21.97 16.30 -33.39
N CYS H 79 22.42 16.27 -32.13
CA CYS H 79 23.74 16.72 -31.81
C CYS H 79 24.59 15.63 -31.16
N VAL H 80 23.96 14.53 -30.79
CA VAL H 80 24.68 13.62 -29.91
C VAL H 80 25.55 12.62 -30.69
N GLN H 81 26.82 12.46 -30.30
CA GLN H 81 27.67 11.49 -30.98
C GLN H 81 28.02 10.28 -30.14
N SER H 82 28.31 10.52 -28.87
CA SER H 82 28.65 9.49 -27.92
C SER H 82 28.06 9.84 -26.56
N ILE H 83 27.64 8.82 -25.82
CA ILE H 83 27.21 8.97 -24.40
C ILE H 83 28.15 8.21 -23.47
N LYS H 84 28.54 8.78 -22.34
CA LYS H 84 29.27 8.02 -21.32
C LYS H 84 28.62 8.10 -19.94
N ILE H 85 28.73 7.01 -19.17
CA ILE H 85 28.38 6.99 -17.77
C ILE H 85 29.67 7.11 -16.93
N LEU H 86 29.92 8.33 -16.48
CA LEU H 86 31.04 8.66 -15.56
C LEU H 86 30.82 8.44 -14.05
N SER H 87 31.80 7.93 -13.34
CA SER H 87 31.65 7.84 -11.93
C SER H 87 32.11 9.19 -11.35
N SER H 88 31.84 9.41 -10.08
CA SER H 88 32.39 10.58 -9.36
C SER H 88 33.92 10.73 -9.48
N ALA H 89 34.58 9.56 -9.43
CA ALA H 89 36.02 9.45 -9.59
C ALA H 89 36.56 9.78 -11.00
N GLU H 90 35.77 9.59 -12.04
CA GLU H 90 36.27 9.81 -13.40
C GLU H 90 36.19 11.27 -13.80
N VAL H 91 35.34 12.03 -13.09
CA VAL H 91 35.25 13.50 -13.33
C VAL H 91 36.21 14.22 -12.42
N GLN H 92 36.33 13.70 -11.18
CA GLN H 92 37.37 14.16 -10.23
C GLN H 92 38.81 13.89 -10.71
N GLN H 93 38.94 13.13 -11.78
CA GLN H 93 40.19 12.88 -12.54
C GLN H 93 40.34 13.59 -13.97
N MSE H 94 39.44 14.52 -14.31
CA MSE H 94 39.62 15.50 -15.41
C MSE H 94 40.47 16.77 -14.99
O MSE H 94 41.31 17.36 -15.75
CB MSE H 94 38.24 15.88 -15.88
CG MSE H 94 37.29 14.66 -16.14
SE MSE H 94 35.32 15.00 -16.81
CE MSE H 94 34.88 13.43 -17.78
N TYR I 8 -36.99 11.61 52.54
CA TYR I 8 -36.53 11.49 51.11
C TYR I 8 -35.64 10.30 50.66
N THR I 9 -35.47 10.28 49.34
CA THR I 9 -34.73 9.20 48.72
C THR I 9 -33.33 9.68 48.24
N ALA I 10 -32.26 9.09 48.83
CA ALA I 10 -30.90 9.37 48.38
C ALA I 10 -30.65 8.77 46.98
N VAL I 11 -29.90 9.50 46.18
CA VAL I 11 -29.44 9.08 44.87
C VAL I 11 -27.95 9.36 44.75
N GLN I 12 -27.17 8.32 44.50
CA GLN I 12 -25.72 8.44 44.50
C GLN I 12 -25.13 7.93 43.19
N LYS I 13 -23.98 8.48 42.86
CA LYS I 13 -23.29 8.14 41.64
C LYS I 13 -21.86 8.43 41.99
N ARG I 14 -20.99 7.49 41.67
CA ARG I 14 -19.60 7.66 42.06
C ARG I 14 -18.92 8.93 41.49
N GLY I 15 -18.11 9.55 42.33
CA GLY I 15 -17.40 10.79 42.01
C GLY I 15 -18.23 12.08 42.00
N SER I 16 -19.54 11.93 42.21
CA SER I 16 -20.43 13.08 42.22
C SER I 16 -20.95 13.23 43.66
N VAL I 17 -21.41 14.43 43.97
CA VAL I 17 -22.11 14.70 45.20
C VAL I 17 -23.49 14.01 45.11
N GLY I 18 -23.92 13.30 46.16
CA GLY I 18 -25.20 12.64 46.13
C GLY I 18 -26.36 13.60 46.26
N ARG I 19 -27.56 13.13 45.85
CA ARG I 19 -28.76 13.97 45.90
C ARG I 19 -29.91 13.32 46.64
N SER I 20 -30.93 14.09 47.00
CA SER I 20 -32.10 13.53 47.62
C SER I 20 -33.29 14.00 46.85
N ILE I 21 -34.15 13.07 46.45
CA ILE I 21 -35.40 13.43 45.75
C ILE I 21 -36.65 12.88 46.40
N ASP I 22 -37.76 13.59 46.24
CA ASP I 22 -39.03 12.99 46.60
C ASP I 22 -39.60 12.31 45.38
N VAL I 23 -39.64 10.98 45.39
CA VAL I 23 -40.09 10.28 44.18
C VAL I 23 -41.53 10.57 43.73
N ASN I 24 -42.39 11.02 44.66
CA ASN I 24 -43.81 11.28 44.36
C ASN I 24 -44.02 12.53 43.56
N ARG I 25 -42.95 13.26 43.35
CA ARG I 25 -42.98 14.42 42.50
C ARG I 25 -42.85 14.01 41.02
N TYR I 26 -42.69 12.71 40.80
CA TYR I 26 -42.72 12.19 39.46
C TYR I 26 -43.96 11.32 39.11
N ARG I 27 -44.29 11.38 37.82
CA ARG I 27 -45.44 10.67 37.29
C ARG I 27 -44.98 9.29 36.90
N GLY I 28 -43.76 9.18 36.40
CA GLY I 28 -43.28 7.88 35.99
C GLY I 28 -41.78 7.82 35.75
N TYR I 29 -41.35 6.69 35.21
CA TYR I 29 -39.93 6.42 35.08
C TYR I 29 -39.21 7.35 34.11
N ASP I 30 -39.90 7.76 33.06
CA ASP I 30 -39.30 8.68 32.12
C ASP I 30 -38.89 10.03 32.72
N GLU I 31 -39.88 10.77 33.25
CA GLU I 31 -39.62 11.94 34.10
C GLU I 31 -38.37 11.78 35.08
N LEU I 32 -38.37 10.67 35.82
CA LEU I 32 -37.31 10.34 36.70
C LEU I 32 -35.94 10.22 35.98
N ARG I 33 -35.92 9.52 34.85
CA ARG I 33 -34.65 9.32 34.13
C ARG I 33 -34.04 10.62 33.61
N HIS I 34 -34.88 11.50 33.07
CA HIS I 34 -34.49 12.87 32.64
C HIS I 34 -33.89 13.67 33.73
N ASP I 35 -34.71 13.90 34.74
CA ASP I 35 -34.35 14.79 35.80
C ASP I 35 -33.05 14.34 36.46
N LEU I 36 -32.92 13.05 36.79
CA LEU I 36 -31.63 12.52 37.30
C LEU I 36 -30.45 12.71 36.36
N ALA I 37 -30.57 12.25 35.11
CA ALA I 37 -29.57 12.56 34.05
C ALA I 37 -29.11 14.05 34.07
N ARG I 38 -30.04 14.98 34.19
CA ARG I 38 -29.69 16.40 34.23
C ARG I 38 -28.93 16.76 35.50
N MSE I 39 -29.47 16.36 36.64
CA MSE I 39 -28.86 16.57 37.94
C MSE I 39 -27.43 16.10 38.09
O MSE I 39 -26.63 16.72 38.81
CB MSE I 39 -29.64 15.81 38.97
CG MSE I 39 -30.71 16.62 39.61
SE MSE I 39 -31.59 15.40 40.85
CE MSE I 39 -32.98 16.75 41.54
N PHE I 40 -27.11 14.95 37.51
CA PHE I 40 -25.72 14.50 37.54
C PHE I 40 -24.94 14.80 36.26
N GLY I 41 -25.34 15.86 35.52
CA GLY I 41 -24.70 16.32 34.29
C GLY I 41 -24.41 15.25 33.24
N ILE I 42 -25.34 14.30 33.06
CA ILE I 42 -25.17 13.28 32.05
C ILE I 42 -26.44 13.20 31.16
N GLU I 43 -26.98 14.35 30.77
CA GLU I 43 -28.25 14.36 30.08
C GLU I 43 -28.18 13.53 28.80
N GLY I 44 -29.23 12.72 28.61
CA GLY I 44 -29.36 11.83 27.49
C GLY I 44 -28.65 10.49 27.61
N GLN I 45 -28.15 10.18 28.79
CA GLN I 45 -27.39 8.93 28.90
C GLN I 45 -28.09 7.93 29.83
N LEU I 46 -29.23 8.37 30.35
CA LEU I 46 -30.12 7.50 31.11
C LEU I 46 -31.47 7.33 30.39
N GLU I 47 -31.74 8.04 29.29
CA GLU I 47 -33.08 7.83 28.70
C GLU I 47 -33.13 6.77 27.52
N TRP I 54 -24.61 3.47 31.32
CA TRP I 54 -24.98 3.53 32.77
C TRP I 54 -26.09 2.58 33.28
N LYS I 55 -25.89 1.83 34.39
CA LYS I 55 -27.02 1.09 35.07
C LYS I 55 -27.65 1.92 36.22
N LEU I 56 -28.93 2.25 36.07
CA LEU I 56 -29.70 2.87 37.14
C LEU I 56 -30.30 1.83 38.16
N VAL I 57 -29.61 1.56 39.24
CA VAL I 57 -30.19 0.59 40.19
C VAL I 57 -30.80 1.14 41.52
N TYR I 58 -31.46 0.27 42.28
CA TYR I 58 -32.20 0.74 43.50
C TYR I 58 -32.27 -0.35 44.58
N VAL I 59 -32.63 0.01 45.78
CA VAL I 59 -32.53 -0.97 46.87
C VAL I 59 -33.97 -1.23 47.41
N ALA I 60 -34.37 -2.49 47.57
CA ALA I 60 -35.71 -2.79 48.08
C ALA I 60 -36.21 -1.69 49.00
N ASN I 63 -33.28 -5.10 51.38
CA ASN I 63 -31.94 -4.60 50.95
C ASN I 63 -31.17 -5.37 49.81
N ALA I 64 -31.50 -5.09 48.53
CA ALA I 64 -31.30 -6.00 47.40
C ALA I 64 -31.03 -5.01 46.35
N ILE I 65 -30.19 -5.27 45.34
CA ILE I 65 -30.13 -4.30 44.22
C ILE I 65 -30.96 -4.67 42.92
N LEU I 66 -31.90 -3.78 42.52
CA LEU I 66 -32.74 -4.05 41.35
C LEU I 66 -32.66 -2.96 40.32
N LEU I 67 -33.06 -3.33 39.10
CA LEU I 67 -32.91 -2.48 37.92
C LEU I 67 -34.09 -1.54 37.98
N VAL I 68 -33.89 -0.24 37.95
CA VAL I 68 -35.06 0.65 38.02
C VAL I 68 -35.94 0.58 36.77
N GLY I 69 -37.25 0.35 36.91
CA GLY I 69 -38.09 0.38 35.72
C GLY I 69 -38.81 -0.94 35.42
N ASP I 70 -38.50 -1.99 36.15
CA ASP I 70 -39.26 -3.26 36.02
C ASP I 70 -40.65 -3.31 36.68
N ASP I 71 -40.72 -2.75 37.87
CA ASP I 71 -41.94 -2.73 38.63
C ASP I 71 -42.87 -1.67 38.09
N PRO I 72 -44.18 -1.87 38.32
CA PRO I 72 -45.14 -0.80 38.16
C PRO I 72 -44.65 0.37 39.02
N TRP I 73 -44.89 1.61 38.56
CA TRP I 73 -44.45 2.78 39.21
C TRP I 73 -44.98 2.87 40.65
N GLU I 74 -46.25 2.59 40.85
CA GLU I 74 -46.84 2.74 42.16
C GLU I 74 -46.22 1.89 43.24
N GLU I 75 -45.73 0.71 42.86
CA GLU I 75 -45.10 -0.20 43.80
C GLU I 75 -43.70 0.26 44.05
N PHE I 76 -43.08 0.71 42.97
CA PHE I 76 -41.76 1.34 43.03
C PHE I 76 -41.65 2.49 44.04
N VAL I 77 -42.57 3.46 43.96
CA VAL I 77 -42.57 4.52 44.96
C VAL I 77 -42.80 4.03 46.40
N ASN I 78 -43.53 2.93 46.58
CA ASN I 78 -43.72 2.40 47.92
C ASN I 78 -42.58 1.54 48.43
N CYS I 79 -41.55 1.31 47.62
CA CYS I 79 -40.59 0.28 47.99
C CYS I 79 -39.21 0.80 47.97
N VAL I 80 -39.01 1.95 47.35
CA VAL I 80 -37.65 2.40 47.06
C VAL I 80 -36.97 3.15 48.19
N GLN I 81 -35.75 2.72 48.56
CA GLN I 81 -35.04 3.30 49.70
C GLN I 81 -33.88 4.16 49.22
N SER I 82 -33.19 3.66 48.20
CA SER I 82 -31.99 4.34 47.72
C SER I 82 -31.88 4.08 46.25
N ILE I 83 -31.40 5.08 45.53
CA ILE I 83 -31.11 4.89 44.09
C ILE I 83 -29.62 5.14 43.75
N LYS I 84 -29.05 4.28 42.89
CA LYS I 84 -27.64 4.45 42.50
C LYS I 84 -27.47 4.47 41.05
N ILE I 85 -26.58 5.34 40.59
CA ILE I 85 -26.13 5.29 39.21
C ILE I 85 -24.79 4.60 39.08
N LEU I 86 -24.84 3.40 38.55
CA LEU I 86 -23.65 2.57 38.39
C LEU I 86 -23.09 2.62 36.98
N SER I 87 -21.76 2.60 36.96
CA SER I 87 -21.05 2.45 35.70
C SER I 87 -21.01 0.96 35.25
N SER I 88 -20.68 0.72 33.99
CA SER I 88 -20.48 -0.65 33.50
C SER I 88 -19.44 -1.38 34.32
N ALA I 89 -18.52 -0.62 34.84
CA ALA I 89 -17.41 -1.13 35.63
C ALA I 89 -17.77 -1.41 37.11
N GLU I 90 -18.83 -0.82 37.60
CA GLU I 90 -19.14 -1.01 39.00
C GLU I 90 -19.99 -2.25 39.19
N VAL I 91 -20.62 -2.68 38.10
CA VAL I 91 -21.40 -3.93 38.09
C VAL I 91 -20.49 -5.12 37.82
N GLN I 92 -19.36 -4.84 37.17
CA GLN I 92 -18.38 -5.88 36.87
C GLN I 92 -17.72 -6.37 38.15
N GLN I 93 -17.74 -7.69 38.35
CA GLN I 93 -17.14 -8.29 39.54
C GLN I 93 -17.77 -7.72 40.80
N MSE I 94 -19.07 -7.49 40.76
CA MSE I 94 -19.80 -6.95 41.91
C MSE I 94 -20.41 -8.06 42.74
O MSE I 94 -19.74 -8.65 43.60
CB MSE I 94 -20.91 -6.01 41.42
CG MSE I 94 -22.02 -6.72 40.66
SE MSE I 94 -23.50 -5.60 40.20
CE MSE I 94 -24.37 -5.56 41.95
N TYR J 8 -2.55 -2.94 -21.31
CA TYR J 8 -3.11 -3.43 -22.57
C TYR J 8 -3.97 -2.37 -23.25
N THR J 9 -4.60 -2.75 -24.35
CA THR J 9 -5.44 -1.84 -25.08
C THR J 9 -6.92 -2.29 -25.03
N ALA J 10 -7.77 -1.46 -24.45
CA ALA J 10 -9.16 -1.82 -24.42
C ALA J 10 -9.81 -1.77 -25.80
N VAL J 11 -10.70 -2.69 -26.10
CA VAL J 11 -11.51 -2.57 -27.34
C VAL J 11 -12.97 -2.66 -26.93
N GLN J 12 -13.79 -1.72 -27.31
CA GLN J 12 -15.13 -1.79 -26.83
C GLN J 12 -16.00 -1.68 -28.02
N LYS J 13 -17.22 -2.21 -27.86
CA LYS J 13 -18.28 -2.19 -28.93
C LYS J 13 -19.58 -2.22 -28.20
N ARG J 14 -20.45 -1.30 -28.57
CA ARG J 14 -21.71 -1.15 -27.85
C ARG J 14 -22.54 -2.43 -27.79
N GLY J 15 -23.05 -2.69 -26.58
CA GLY J 15 -23.88 -3.85 -26.29
C GLY J 15 -23.12 -5.17 -26.26
N SER J 16 -21.79 -5.11 -26.37
CA SER J 16 -20.95 -6.27 -26.17
C SER J 16 -20.02 -6.02 -24.95
N VAL J 17 -19.54 -7.14 -24.38
CA VAL J 17 -18.53 -7.08 -23.34
C VAL J 17 -17.20 -6.72 -23.98
N GLY J 18 -16.46 -5.83 -23.32
CA GLY J 18 -15.27 -5.27 -23.94
C GLY J 18 -14.11 -6.17 -23.72
N ARG J 19 -13.05 -5.98 -24.51
CA ARG J 19 -11.85 -6.84 -24.38
C ARG J 19 -10.52 -6.09 -24.32
N SER J 20 -9.44 -6.77 -24.00
CA SER J 20 -8.16 -6.08 -23.93
C SER J 20 -7.27 -6.88 -24.76
N ILE J 21 -6.57 -6.22 -25.69
CA ILE J 21 -5.56 -6.90 -26.50
C ILE J 21 -4.15 -6.27 -26.43
N ASP J 22 -3.13 -7.11 -26.55
CA ASP J 22 -1.81 -6.56 -26.78
C ASP J 22 -1.54 -6.40 -28.29
N VAL J 23 -1.54 -5.16 -28.78
CA VAL J 23 -1.39 -4.96 -30.23
C VAL J 23 -0.09 -5.46 -30.88
N ASN J 24 0.98 -5.62 -30.10
CA ASN J 24 2.24 -6.15 -30.66
C ASN J 24 2.21 -7.62 -31.00
N ARG J 25 1.11 -8.27 -30.69
CA ARG J 25 0.91 -9.65 -31.02
C ARG J 25 0.36 -9.76 -32.41
N TYR J 26 0.18 -8.60 -33.04
CA TYR J 26 -0.18 -8.54 -34.46
C TYR J 26 0.93 -8.01 -35.38
N ARG J 27 0.91 -8.55 -36.61
CA ARG J 27 1.85 -8.15 -37.67
C ARG J 27 1.37 -6.89 -38.35
N GLY J 28 0.06 -6.74 -38.45
CA GLY J 28 -0.47 -5.58 -39.16
C GLY J 28 -1.95 -5.53 -39.05
N TYR J 29 -2.54 -4.50 -39.63
CA TYR J 29 -3.97 -4.24 -39.56
C TYR J 29 -4.90 -5.36 -40.04
N ASP J 30 -4.48 -6.23 -40.95
CA ASP J 30 -5.38 -7.30 -41.35
C ASP J 30 -5.65 -8.32 -40.27
N GLU J 31 -4.57 -8.78 -39.68
CA GLU J 31 -4.60 -9.68 -38.56
C GLU J 31 -5.50 -9.14 -37.45
N LEU J 32 -5.26 -7.88 -37.15
CA LEU J 32 -6.06 -7.11 -36.21
C LEU J 32 -7.53 -7.07 -36.53
N ARG J 33 -7.88 -6.77 -37.76
CA ARG J 33 -9.31 -6.73 -38.08
C ARG J 33 -10.00 -8.08 -38.01
N HIS J 34 -9.33 -9.15 -38.48
CA HIS J 34 -9.89 -10.49 -38.41
C HIS J 34 -10.18 -10.85 -36.99
N ASP J 35 -9.12 -10.83 -36.19
CA ASP J 35 -9.18 -11.36 -34.83
C ASP J 35 -10.24 -10.61 -34.02
N LEU J 36 -10.28 -9.29 -34.21
CA LEU J 36 -11.37 -8.49 -33.67
C LEU J 36 -12.76 -8.92 -34.20
N ALA J 37 -12.90 -9.07 -35.49
CA ALA J 37 -14.19 -9.49 -36.04
C ALA J 37 -14.72 -10.73 -35.36
N ARG J 38 -13.80 -11.67 -35.18
CA ARG J 38 -14.12 -12.92 -34.56
C ARG J 38 -14.53 -12.75 -33.13
N MSE J 39 -13.67 -12.09 -32.36
CA MSE J 39 -13.94 -11.77 -30.96
C MSE J 39 -15.30 -11.14 -30.61
O MSE J 39 -15.86 -11.37 -29.51
CB MSE J 39 -12.91 -10.82 -30.46
CG MSE J 39 -11.68 -11.48 -29.88
SE MSE J 39 -10.45 -10.10 -29.25
CE MSE J 39 -9.01 -11.33 -28.62
N PHE J 40 -15.79 -10.31 -31.52
CA PHE J 40 -17.12 -9.68 -31.36
C PHE J 40 -18.15 -10.34 -32.33
N GLY J 41 -17.91 -11.59 -32.71
CA GLY J 41 -18.95 -12.35 -33.34
C GLY J 41 -19.56 -11.58 -34.52
N ILE J 42 -18.71 -10.79 -35.20
CA ILE J 42 -19.05 -10.23 -36.50
C ILE J 42 -18.06 -10.60 -37.65
N GLU J 43 -17.64 -11.85 -37.70
CA GLU J 43 -16.58 -12.22 -38.61
C GLU J 43 -16.98 -11.86 -40.04
N GLY J 44 -16.04 -11.23 -40.73
CA GLY J 44 -16.20 -10.78 -42.10
C GLY J 44 -17.01 -9.51 -42.29
N GLN J 45 -17.05 -8.68 -41.27
CA GLN J 45 -17.75 -7.40 -41.42
C GLN J 45 -16.79 -6.25 -41.12
N LEU J 46 -15.51 -6.58 -40.94
CA LEU J 46 -14.53 -5.53 -40.59
C LEU J 46 -13.57 -5.23 -41.73
N TRP J 54 -19.50 -1.37 -41.13
CA TRP J 54 -18.95 -0.99 -39.78
C TRP J 54 -17.68 -0.09 -39.76
N LYS J 55 -17.35 0.50 -38.59
CA LYS J 55 -16.16 1.40 -38.36
C LYS J 55 -15.24 0.99 -37.20
N LEU J 56 -13.94 0.74 -37.52
CA LEU J 56 -12.93 0.36 -36.49
C LEU J 56 -12.00 1.51 -36.24
N VAL J 57 -12.28 2.24 -35.16
CA VAL J 57 -11.66 3.56 -34.82
C VAL J 57 -10.68 3.50 -33.60
N TYR J 58 -9.60 4.28 -33.60
CA TYR J 58 -8.86 4.38 -32.36
C TYR J 58 -8.74 5.72 -31.68
N VAL J 59 -8.16 5.73 -30.49
CA VAL J 59 -7.78 7.00 -29.79
C VAL J 59 -6.23 7.38 -29.90
N ALA J 64 -10.35 12.58 -29.48
CA ALA J 64 -9.14 12.34 -30.29
C ALA J 64 -9.23 11.16 -31.38
N ILE J 65 -10.45 10.92 -31.94
CA ILE J 65 -10.84 9.67 -32.65
C ILE J 65 -10.47 9.55 -34.16
N LEU J 66 -9.76 8.48 -34.49
CA LEU J 66 -9.25 8.38 -35.85
C LEU J 66 -9.60 7.06 -36.41
N LEU J 67 -9.72 6.96 -37.70
CA LEU J 67 -9.95 5.66 -38.31
C LEU J 67 -8.69 4.75 -38.27
N VAL J 68 -8.88 3.52 -37.79
CA VAL J 68 -7.81 2.56 -37.76
C VAL J 68 -7.35 2.14 -39.15
N GLY J 69 -6.04 2.30 -39.42
CA GLY J 69 -5.47 1.81 -40.65
C GLY J 69 -4.85 2.84 -41.60
N ASP J 70 -4.96 4.14 -41.27
CA ASP J 70 -4.27 5.23 -42.03
C ASP J 70 -2.75 5.33 -41.78
N ASP J 71 -2.37 5.38 -40.50
CA ASP J 71 -0.98 5.41 -40.09
C ASP J 71 -0.29 4.08 -40.33
N PRO J 72 1.05 4.15 -40.56
CA PRO J 72 1.94 3.01 -40.58
C PRO J 72 1.70 2.29 -39.31
N TRP J 73 1.79 0.98 -39.39
CA TRP J 73 1.50 0.08 -38.31
C TRP J 73 2.33 0.46 -37.08
N GLU J 74 3.62 0.60 -37.29
CA GLU J 74 4.57 0.82 -36.22
C GLU J 74 4.22 2.04 -35.39
N GLU J 75 3.63 3.05 -36.03
CA GLU J 75 3.33 4.32 -35.36
C GLU J 75 2.10 4.07 -34.58
N PHE J 76 1.20 3.36 -35.23
CA PHE J 76 -0.05 2.99 -34.63
C PHE J 76 0.13 2.23 -33.30
N VAL J 77 1.03 1.24 -33.25
CA VAL J 77 1.20 0.49 -31.98
C VAL J 77 1.81 1.42 -30.88
N ASN J 78 2.59 2.39 -31.29
CA ASN J 78 3.14 3.27 -30.29
C ASN J 78 2.22 4.38 -29.81
N CYS J 79 1.01 4.47 -30.38
CA CYS J 79 0.14 5.67 -30.18
C CYS J 79 -1.24 5.35 -29.68
N VAL J 80 -1.62 4.12 -29.88
CA VAL J 80 -2.99 3.71 -29.62
C VAL J 80 -3.30 3.56 -28.14
N GLN J 81 -4.41 4.15 -27.68
CA GLN J 81 -4.81 3.99 -26.29
C GLN J 81 -6.07 3.15 -26.10
N SER J 82 -6.98 3.27 -27.03
CA SER J 82 -8.24 2.60 -26.95
C SER J 82 -8.70 2.34 -28.37
N ILE J 83 -9.39 1.23 -28.57
CA ILE J 83 -9.99 0.95 -29.86
C ILE J 83 -11.52 0.79 -29.72
N LYS J 84 -12.31 1.29 -30.67
CA LYS J 84 -13.75 1.13 -30.56
C LYS J 84 -14.27 0.56 -31.83
N ILE J 85 -15.33 -0.24 -31.69
CA ILE J 85 -16.14 -0.61 -32.86
C ILE J 85 -17.48 0.14 -32.93
N LEU J 86 -17.51 1.15 -33.83
CA LEU J 86 -18.66 2.05 -34.04
C LEU J 86 -19.59 1.61 -35.12
N SER J 87 -20.90 1.73 -34.86
CA SER J 87 -21.92 1.54 -35.89
C SER J 87 -22.14 2.82 -36.71
N SER J 88 -22.71 2.66 -37.89
CA SER J 88 -23.04 3.79 -38.74
C SER J 88 -23.87 4.79 -37.96
N ALA J 89 -24.66 4.30 -37.02
CA ALA J 89 -25.50 5.20 -36.21
C ALA J 89 -24.73 6.02 -35.15
N GLU J 90 -23.60 5.49 -34.68
CA GLU J 90 -22.89 6.10 -33.54
C GLU J 90 -21.94 7.20 -34.00
N VAL J 91 -21.82 7.38 -35.31
CA VAL J 91 -20.90 8.38 -35.83
C VAL J 91 -21.53 9.77 -35.78
N GLN J 92 -21.68 10.29 -34.56
CA GLN J 92 -22.06 11.71 -34.34
C GLN J 92 -21.47 12.28 -33.00
N THR K 7 0.67 -13.42 8.23
CA THR K 7 0.97 -14.85 8.34
C THR K 7 0.83 -15.46 9.75
N TYR K 8 0.65 -14.57 10.73
CA TYR K 8 0.50 -14.98 12.14
C TYR K 8 -0.95 -15.31 12.59
N THR K 9 -1.06 -15.95 13.73
CA THR K 9 -2.38 -16.45 14.12
C THR K 9 -2.78 -15.87 15.49
N ALA K 10 -4.00 -15.35 15.61
CA ALA K 10 -4.40 -14.73 16.86
C ALA K 10 -4.90 -15.80 17.81
N VAL K 11 -4.56 -15.66 19.08
CA VAL K 11 -5.03 -16.58 20.09
C VAL K 11 -5.66 -15.74 21.13
N GLN K 12 -6.90 -16.02 21.42
CA GLN K 12 -7.56 -15.22 22.43
C GLN K 12 -8.02 -16.08 23.57
N LYS K 13 -8.18 -15.46 24.74
CA LYS K 13 -8.77 -16.08 25.91
C LYS K 13 -9.55 -14.97 26.60
N ARG K 14 -10.79 -15.23 27.02
CA ARG K 14 -11.58 -14.18 27.63
C ARG K 14 -10.95 -13.67 28.90
N GLY K 15 -10.97 -12.32 29.06
CA GLY K 15 -10.35 -11.58 30.19
C GLY K 15 -8.81 -11.50 30.26
N SER K 16 -8.18 -12.00 29.20
CA SER K 16 -6.76 -11.92 29.03
C SER K 16 -6.53 -11.11 27.75
N VAL K 17 -5.36 -10.49 27.71
CA VAL K 17 -4.88 -9.84 26.47
C VAL K 17 -4.45 -10.92 25.45
N GLY K 18 -4.91 -10.73 24.22
CA GLY K 18 -4.69 -11.77 23.24
C GLY K 18 -3.28 -11.76 22.71
N ARG K 19 -2.83 -12.88 22.07
CA ARG K 19 -1.42 -12.94 21.49
C ARG K 19 -1.36 -13.42 19.99
N SER K 20 -0.25 -13.25 19.28
CA SER K 20 -0.21 -13.84 17.95
C SER K 20 0.93 -14.77 17.87
N ILE K 21 0.73 -15.94 17.31
CA ILE K 21 1.85 -16.89 17.23
C ILE K 21 2.07 -17.29 15.77
N ASP K 22 3.30 -17.61 15.40
CA ASP K 22 3.46 -18.34 14.15
C ASP K 22 3.38 -19.87 14.38
N VAL K 23 2.35 -20.53 13.88
CA VAL K 23 2.20 -21.95 14.22
C VAL K 23 3.30 -22.90 13.70
N ASN K 24 4.04 -22.45 12.68
CA ASN K 24 5.11 -23.26 12.13
C ASN K 24 6.32 -23.36 13.02
N ARG K 25 6.30 -22.59 14.10
CA ARG K 25 7.35 -22.64 15.10
C ARG K 25 7.22 -23.88 15.97
N TYR K 26 6.12 -24.59 15.73
CA TYR K 26 5.88 -25.83 16.45
C TYR K 26 5.98 -27.10 15.61
N ARG K 27 6.36 -28.14 16.32
CA ARG K 27 6.54 -29.45 15.77
C ARG K 27 5.23 -30.18 15.81
N GLY K 28 4.43 -29.93 16.84
CA GLY K 28 3.14 -30.60 16.91
C GLY K 28 2.32 -30.06 18.03
N TYR K 29 1.14 -30.63 18.23
CA TYR K 29 0.16 -30.15 19.20
C TYR K 29 0.66 -30.03 20.64
N ASP K 30 1.58 -30.88 21.07
CA ASP K 30 2.03 -30.84 22.46
C ASP K 30 2.79 -29.59 22.85
N GLU K 31 3.75 -29.28 22.01
CA GLU K 31 4.50 -28.05 22.09
C GLU K 31 3.59 -26.81 22.16
N LEU K 32 2.72 -26.69 21.16
CA LEU K 32 1.67 -25.71 21.14
C LEU K 32 0.83 -25.61 22.44
N ARG K 33 0.24 -26.71 22.92
CA ARG K 33 -0.48 -26.66 24.16
C ARG K 33 0.32 -26.13 25.33
N HIS K 34 1.54 -26.63 25.52
CA HIS K 34 2.38 -26.15 26.59
C HIS K 34 2.63 -24.70 26.56
N ASP K 35 3.14 -24.30 25.40
CA ASP K 35 3.50 -22.93 25.19
C ASP K 35 2.30 -21.97 25.43
N LEU K 36 1.16 -22.33 24.85
CA LEU K 36 -0.07 -21.59 25.09
C LEU K 36 -0.44 -21.52 26.57
N ALA K 37 -0.50 -22.68 27.23
CA ALA K 37 -0.80 -22.74 28.66
C ALA K 37 0.11 -21.81 29.49
N ARG K 38 1.38 -21.75 29.16
CA ARG K 38 2.27 -20.86 29.87
C ARG K 38 1.95 -19.41 29.63
N MSE K 39 1.90 -19.05 28.36
CA MSE K 39 1.56 -17.69 27.93
C MSE K 39 0.34 -17.09 28.60
O MSE K 39 0.31 -15.88 28.87
CB MSE K 39 1.26 -17.67 26.45
CG MSE K 39 2.45 -17.37 25.56
SE MSE K 39 1.90 -17.38 23.64
CE MSE K 39 3.75 -17.18 22.95
N PHE K 40 -0.70 -17.91 28.78
CA PHE K 40 -1.90 -17.49 29.51
C PHE K 40 -1.91 -17.93 31.02
N GLY K 41 -0.72 -18.10 31.59
CA GLY K 41 -0.61 -18.44 33.01
C GLY K 41 -1.61 -19.47 33.53
N ILE K 42 -1.85 -20.52 32.73
CA ILE K 42 -2.60 -21.70 33.18
C ILE K 42 -1.87 -23.05 32.95
N ASP K 53 -10.87 -28.81 31.36
CA ASP K 53 -11.82 -27.82 31.89
C ASP K 53 -11.71 -26.56 31.08
N TRP K 54 -10.53 -26.34 30.48
CA TRP K 54 -10.39 -25.41 29.31
C TRP K 54 -10.45 -26.18 28.01
N LYS K 55 -11.18 -25.65 27.06
CA LYS K 55 -11.15 -26.24 25.73
C LYS K 55 -10.34 -25.29 24.87
N LEU K 56 -9.47 -25.88 24.06
CA LEU K 56 -8.64 -25.07 23.16
C LEU K 56 -9.21 -25.20 21.73
N VAL K 57 -9.83 -24.17 21.18
CA VAL K 57 -10.58 -24.33 19.92
C VAL K 57 -9.95 -23.48 18.84
N TYR K 58 -10.27 -23.74 17.59
CA TYR K 58 -9.61 -23.03 16.48
C TYR K 58 -10.61 -22.90 15.35
N VAL K 59 -10.38 -21.94 14.47
CA VAL K 59 -11.34 -21.65 13.42
C VAL K 59 -10.84 -22.04 12.04
N ALA K 60 -11.65 -22.83 11.35
CA ALA K 60 -11.44 -23.18 9.97
C ALA K 60 -11.83 -21.95 9.15
N HIS K 61 -11.59 -22.02 7.85
CA HIS K 61 -12.00 -20.94 6.97
C HIS K 61 -13.49 -20.85 7.10
N GLU K 62 -14.12 -22.01 7.19
CA GLU K 62 -15.53 -22.09 7.54
C GLU K 62 -15.66 -21.57 8.96
N ASN K 63 -16.76 -20.89 9.25
CA ASN K 63 -16.92 -20.20 10.53
C ASN K 63 -16.90 -21.12 11.75
N ALA K 64 -17.51 -22.28 11.64
CA ALA K 64 -17.66 -23.18 12.78
C ALA K 64 -16.33 -23.56 13.43
N ILE K 65 -16.31 -23.54 14.76
CA ILE K 65 -15.13 -23.90 15.55
C ILE K 65 -14.86 -25.40 15.58
N LEU K 66 -13.60 -25.77 15.79
CA LEU K 66 -13.22 -27.17 15.91
C LEU K 66 -12.25 -27.32 17.04
N LEU K 67 -12.23 -28.51 17.59
CA LEU K 67 -11.34 -28.82 18.67
C LEU K 67 -9.95 -29.05 18.12
N VAL K 68 -9.00 -28.36 18.67
CA VAL K 68 -7.63 -28.43 18.22
C VAL K 68 -7.05 -29.80 18.60
N GLY K 69 -6.50 -30.52 17.64
CA GLY K 69 -5.81 -31.75 17.96
C GLY K 69 -6.27 -32.93 17.15
N ASP K 70 -7.46 -32.83 16.53
CA ASP K 70 -8.04 -33.90 15.68
C ASP K 70 -7.31 -34.15 14.39
N ASP K 71 -7.11 -33.06 13.64
CA ASP K 71 -6.49 -33.10 12.31
C ASP K 71 -5.03 -33.42 12.46
N PRO K 72 -4.42 -33.98 11.41
CA PRO K 72 -2.96 -34.07 11.26
C PRO K 72 -2.38 -32.69 11.36
N TRP K 73 -1.20 -32.63 11.95
CA TRP K 73 -0.61 -31.36 12.27
C TRP K 73 -0.50 -30.48 11.03
N GLU K 74 0.06 -31.08 9.97
CA GLU K 74 0.36 -30.38 8.74
C GLU K 74 -0.86 -29.76 8.07
N GLU K 75 -2.02 -30.34 8.27
CA GLU K 75 -3.24 -29.83 7.68
C GLU K 75 -3.76 -28.66 8.52
N PHE K 76 -3.61 -28.88 9.82
CA PHE K 76 -3.92 -27.89 10.81
C PHE K 76 -3.15 -26.55 10.59
N VAL K 77 -1.83 -26.62 10.39
CA VAL K 77 -1.05 -25.39 10.13
C VAL K 77 -1.48 -24.68 8.82
N ASN K 78 -1.98 -25.45 7.84
CA ASN K 78 -2.44 -24.86 6.56
C ASN K 78 -3.88 -24.28 6.56
N CYS K 79 -4.58 -24.43 7.67
CA CYS K 79 -6.02 -24.21 7.70
C CYS K 79 -6.43 -23.24 8.77
N VAL K 80 -5.54 -23.05 9.75
CA VAL K 80 -5.93 -22.34 11.02
C VAL K 80 -5.91 -20.81 10.93
N GLN K 81 -7.02 -20.20 11.32
CA GLN K 81 -7.10 -18.77 11.18
C GLN K 81 -7.09 -18.06 12.46
N SER K 82 -7.76 -18.64 13.43
CA SER K 82 -7.70 -18.10 14.81
C SER K 82 -7.72 -19.23 15.83
N ILE K 83 -7.06 -19.06 16.94
CA ILE K 83 -7.24 -20.00 18.04
C ILE K 83 -7.89 -19.33 19.33
N LYS K 84 -8.72 -20.06 20.06
CA LYS K 84 -9.35 -19.51 21.22
C LYS K 84 -9.14 -20.50 22.30
N ILE K 85 -8.92 -20.02 23.50
CA ILE K 85 -9.16 -20.80 24.71
C ILE K 85 -10.52 -20.41 25.39
N LEU K 86 -11.44 -21.39 25.33
CA LEU K 86 -12.78 -21.34 25.88
C LEU K 86 -12.92 -22.05 27.18
N SER K 87 -13.76 -21.47 28.02
CA SER K 87 -14.16 -22.08 29.29
C SER K 87 -15.36 -23.03 29.09
N SER K 88 -15.56 -23.90 30.07
CA SER K 88 -16.67 -24.84 30.04
C SER K 88 -17.96 -24.06 29.96
N ALA K 89 -17.94 -22.85 30.48
CA ALA K 89 -19.10 -21.99 30.45
C ALA K 89 -19.33 -21.32 29.10
N GLU K 90 -18.27 -21.13 28.33
CA GLU K 90 -18.39 -20.42 27.06
C GLU K 90 -18.87 -21.31 25.91
N VAL K 91 -18.82 -22.61 26.10
CA VAL K 91 -19.45 -23.49 25.14
C VAL K 91 -20.85 -23.74 25.67
N THR L 7 42.21 -8.70 -44.54
CA THR L 7 40.86 -8.24 -44.92
C THR L 7 39.66 -9.14 -44.48
N TYR L 8 39.97 -10.18 -43.72
CA TYR L 8 38.94 -10.90 -42.98
C TYR L 8 38.86 -10.35 -41.59
N THR L 9 37.98 -10.96 -40.82
CA THR L 9 37.75 -10.51 -39.41
C THR L 9 38.22 -11.50 -38.31
N ALA L 10 39.11 -11.01 -37.46
CA ALA L 10 39.69 -11.87 -36.44
C ALA L 10 38.66 -12.06 -35.34
N VAL L 11 38.63 -13.27 -34.81
CA VAL L 11 37.83 -13.59 -33.65
C VAL L 11 38.70 -14.30 -32.64
N GLN L 12 38.79 -13.77 -31.42
CA GLN L 12 39.70 -14.31 -30.46
C GLN L 12 39.00 -14.55 -29.21
N LYS L 13 39.47 -15.53 -28.48
CA LYS L 13 38.85 -15.95 -27.22
C LYS L 13 40.02 -16.42 -26.41
N ARG L 14 40.09 -16.02 -25.16
CA ARG L 14 41.23 -16.37 -24.37
C ARG L 14 41.36 -17.88 -24.15
N GLY L 15 42.62 -18.36 -24.21
CA GLY L 15 42.97 -19.78 -24.13
C GLY L 15 42.56 -20.69 -25.31
N SER L 16 42.01 -20.06 -26.36
CA SER L 16 41.71 -20.72 -27.60
C SER L 16 42.57 -20.10 -28.75
N VAL L 17 42.86 -20.92 -29.75
CA VAL L 17 43.43 -20.41 -30.95
C VAL L 17 42.39 -19.59 -31.69
N GLY L 18 42.77 -18.41 -32.16
CA GLY L 18 41.81 -17.50 -32.78
C GLY L 18 41.42 -17.93 -34.21
N ARG L 19 40.41 -17.29 -34.80
CA ARG L 19 39.94 -17.63 -36.14
C ARG L 19 39.60 -16.37 -36.94
N SER L 20 39.48 -16.46 -38.27
CA SER L 20 39.07 -15.29 -39.08
C SER L 20 37.85 -15.72 -39.82
N ILE L 21 36.91 -14.79 -39.90
CA ILE L 21 35.69 -15.11 -40.63
C ILE L 21 35.43 -13.99 -41.59
N ASP L 22 34.73 -14.26 -42.68
CA ASP L 22 34.17 -13.17 -43.46
C ASP L 22 32.76 -12.91 -42.97
N VAL L 23 32.55 -11.77 -42.32
CA VAL L 23 31.19 -11.54 -41.81
C VAL L 23 30.06 -11.58 -42.85
N ASN L 24 30.37 -11.32 -44.12
CA ASN L 24 29.30 -11.24 -45.15
C ASN L 24 28.70 -12.58 -45.56
N ARG L 25 29.24 -13.63 -44.99
CA ARG L 25 28.72 -14.94 -45.24
C ARG L 25 27.59 -15.22 -44.28
N TYR L 26 27.25 -14.23 -43.49
CA TYR L 26 26.11 -14.36 -42.60
C TYR L 26 24.97 -13.38 -42.95
N ARG L 27 23.76 -13.83 -42.61
CA ARG L 27 22.53 -13.10 -42.84
C ARG L 27 22.25 -12.22 -41.67
N GLY L 28 22.60 -12.70 -40.49
CA GLY L 28 22.42 -11.90 -39.30
C GLY L 28 23.12 -12.46 -38.07
N TYR L 29 22.82 -11.81 -36.96
CA TYR L 29 23.47 -12.04 -35.70
C TYR L 29 23.27 -13.47 -35.18
N ASP L 30 22.14 -14.08 -35.51
CA ASP L 30 21.91 -15.38 -34.93
C ASP L 30 22.81 -16.42 -35.51
N GLU L 31 22.84 -16.44 -36.83
CA GLU L 31 23.78 -17.24 -37.59
C GLU L 31 25.22 -17.11 -37.07
N LEU L 32 25.64 -15.86 -36.92
CA LEU L 32 26.95 -15.54 -36.35
C LEU L 32 27.19 -16.09 -34.94
N ARG L 33 26.26 -15.86 -34.00
CA ARG L 33 26.41 -16.45 -32.67
C ARG L 33 26.53 -17.95 -32.67
N HIS L 34 25.68 -18.63 -33.42
CA HIS L 34 25.77 -20.07 -33.48
C HIS L 34 27.11 -20.53 -33.95
N ASP L 35 27.44 -20.08 -35.16
CA ASP L 35 28.60 -20.59 -35.86
C ASP L 35 29.85 -20.31 -35.00
N LEU L 36 29.90 -19.15 -34.36
CA LEU L 36 30.99 -18.87 -33.42
C LEU L 36 30.98 -19.78 -32.19
N ALA L 37 29.82 -19.92 -31.55
CA ALA L 37 29.65 -20.86 -30.46
C ALA L 37 30.23 -22.29 -30.75
N ARG L 38 29.94 -22.79 -31.93
CA ARG L 38 30.44 -24.07 -32.35
C ARG L 38 31.93 -24.03 -32.51
N MSE L 39 32.40 -23.08 -33.32
CA MSE L 39 33.86 -22.92 -33.57
C MSE L 39 34.75 -22.94 -32.33
O MSE L 39 35.90 -23.44 -32.41
CB MSE L 39 34.14 -21.62 -34.31
CG MSE L 39 34.12 -21.72 -35.82
SE MSE L 39 34.45 -19.90 -36.59
CE MSE L 39 34.18 -20.42 -38.48
N PHE L 40 34.25 -22.37 -31.21
CA PHE L 40 35.03 -22.29 -29.96
C PHE L 40 34.49 -23.28 -28.95
N GLY L 41 33.86 -24.33 -29.48
CA GLY L 41 33.30 -25.42 -28.68
C GLY L 41 32.57 -24.97 -27.44
N ILE L 42 31.70 -23.97 -27.56
CA ILE L 42 30.78 -23.61 -26.45
C ILE L 42 29.30 -23.58 -26.88
N LYS L 55 30.46 -13.12 -22.60
CA LYS L 55 29.96 -12.07 -23.51
C LYS L 55 30.61 -12.03 -24.91
N LEU L 56 29.78 -11.88 -25.97
CA LEU L 56 30.28 -11.67 -27.40
C LEU L 56 30.45 -10.15 -27.70
N VAL L 57 31.65 -9.71 -28.10
CA VAL L 57 31.89 -8.25 -28.29
C VAL L 57 32.64 -7.95 -29.60
N TYR L 58 32.74 -6.66 -29.97
CA TYR L 58 33.51 -6.25 -31.21
C TYR L 58 34.13 -4.87 -31.17
N VAL L 59 35.07 -4.54 -32.04
CA VAL L 59 35.72 -3.22 -31.96
C VAL L 59 35.77 -2.43 -33.27
N ALA L 60 35.77 -1.10 -33.18
CA ALA L 60 35.87 -0.24 -34.40
C ALA L 60 36.65 1.13 -34.31
N ALA L 64 36.91 1.41 -30.06
CA ALA L 64 35.97 1.33 -28.92
C ALA L 64 35.31 -0.05 -28.78
N ILE L 65 35.34 -0.70 -27.58
CA ILE L 65 34.69 -2.08 -27.47
C ILE L 65 33.13 -2.05 -27.23
N LEU L 66 32.40 -2.64 -28.13
CA LEU L 66 30.94 -2.62 -28.06
C LEU L 66 30.36 -4.06 -27.98
N LEU L 67 29.12 -4.15 -27.47
CA LEU L 67 28.40 -5.43 -27.47
C LEU L 67 27.83 -5.80 -28.83
N VAL L 68 28.12 -7.00 -29.30
CA VAL L 68 27.68 -7.39 -30.64
C VAL L 68 26.21 -7.60 -30.61
N GLY L 69 25.44 -6.92 -31.48
CA GLY L 69 24.00 -7.16 -31.59
C GLY L 69 23.10 -5.93 -31.47
N ASP L 70 23.61 -4.78 -31.04
CA ASP L 70 22.83 -3.54 -30.94
C ASP L 70 22.55 -2.86 -32.28
N ASP L 71 23.57 -2.69 -33.12
CA ASP L 71 23.47 -1.97 -34.38
C ASP L 71 22.73 -2.84 -35.35
N PRO L 72 22.13 -2.22 -36.37
CA PRO L 72 21.58 -2.95 -37.52
C PRO L 72 22.72 -3.74 -38.09
N TRP L 73 22.38 -4.91 -38.61
CA TRP L 73 23.36 -5.84 -39.21
C TRP L 73 24.28 -5.20 -40.27
N GLU L 74 23.65 -4.51 -41.22
CA GLU L 74 24.32 -3.88 -42.35
C GLU L 74 25.42 -2.89 -41.96
N GLU L 75 25.22 -2.18 -40.85
CA GLU L 75 26.17 -1.19 -40.35
C GLU L 75 27.30 -1.93 -39.68
N PHE L 76 26.90 -2.98 -38.96
CA PHE L 76 27.82 -3.86 -38.28
C PHE L 76 28.92 -4.54 -39.17
N VAL L 77 28.50 -5.27 -40.19
CA VAL L 77 29.43 -5.64 -41.28
C VAL L 77 30.30 -4.49 -41.93
N ASN L 78 29.85 -3.26 -41.99
CA ASN L 78 30.71 -2.21 -42.54
C ASN L 78 31.65 -1.56 -41.52
N CYS L 79 31.55 -1.99 -40.27
CA CYS L 79 32.26 -1.28 -39.20
C CYS L 79 33.20 -2.14 -38.38
N VAL L 80 33.00 -3.43 -38.49
CA VAL L 80 33.66 -4.38 -37.55
C VAL L 80 35.07 -4.74 -37.91
N GLN L 81 35.98 -4.51 -36.99
CA GLN L 81 37.37 -4.83 -37.24
C GLN L 81 37.84 -6.08 -36.54
N SER L 82 37.40 -6.26 -35.32
CA SER L 82 37.79 -7.41 -34.58
C SER L 82 36.60 -7.85 -33.74
N ILE L 83 36.42 -9.16 -33.54
CA ILE L 83 35.44 -9.68 -32.56
C ILE L 83 36.12 -10.42 -31.41
N LYS L 84 35.65 -10.28 -30.19
CA LYS L 84 36.22 -11.07 -29.10
C LYS L 84 35.16 -11.77 -28.34
N ILE L 85 35.50 -12.96 -27.87
CA ILE L 85 34.67 -13.59 -26.83
C ILE L 85 35.22 -13.48 -25.40
N LEU L 86 34.60 -12.58 -24.63
CA LEU L 86 35.08 -12.26 -23.29
C LEU L 86 34.33 -12.98 -22.23
N SER L 87 35.05 -13.33 -21.18
CA SER L 87 34.44 -13.92 -19.99
C SER L 87 33.92 -12.85 -19.03
N SER L 88 33.08 -13.25 -18.09
CA SER L 88 32.56 -12.33 -17.06
C SER L 88 33.71 -11.70 -16.32
N ALA L 89 34.81 -12.45 -16.22
CA ALA L 89 36.02 -12.05 -15.50
C ALA L 89 36.94 -11.07 -16.27
N GLU L 90 36.83 -11.06 -17.59
CA GLU L 90 37.69 -10.23 -18.43
C GLU L 90 37.12 -8.83 -18.64
N VAL L 91 35.85 -8.63 -18.28
CA VAL L 91 35.24 -7.30 -18.37
C VAL L 91 35.61 -6.36 -17.19
N GLN L 92 36.88 -6.00 -17.01
CA GLN L 92 37.28 -5.07 -15.93
C GLN L 92 38.77 -5.04 -15.73
N TYR M 8 -13.81 -34.19 -22.08
CA TYR M 8 -12.69 -33.50 -22.75
C TYR M 8 -11.87 -34.36 -23.74
N THR M 9 -11.68 -33.79 -24.94
CA THR M 9 -11.31 -34.52 -26.18
C THR M 9 -9.99 -34.03 -26.80
N ALA M 10 -9.07 -34.95 -27.00
CA ALA M 10 -7.76 -34.61 -27.60
C ALA M 10 -7.86 -34.28 -29.10
N VAL M 11 -7.19 -33.23 -29.57
CA VAL M 11 -7.09 -32.91 -30.97
C VAL M 11 -5.63 -32.81 -31.29
N GLN M 12 -5.14 -33.59 -32.23
CA GLN M 12 -3.74 -33.55 -32.51
C GLN M 12 -3.54 -33.29 -33.98
N LYS M 13 -2.39 -32.71 -34.29
CA LYS M 13 -1.99 -32.50 -35.67
C LYS M 13 -0.48 -32.62 -35.70
N ARG M 14 0.03 -33.41 -36.64
CA ARG M 14 1.44 -33.72 -36.62
C ARG M 14 2.25 -32.45 -36.76
N GLY M 15 3.31 -32.38 -35.96
CA GLY M 15 4.21 -31.22 -35.90
C GLY M 15 3.78 -30.03 -35.08
N SER M 16 2.61 -30.18 -34.45
CA SER M 16 2.01 -29.16 -33.58
C SER M 16 1.75 -29.80 -32.25
N VAL M 17 1.78 -28.95 -31.24
CA VAL M 17 1.31 -29.25 -29.90
C VAL M 17 -0.15 -29.43 -29.89
N GLY M 18 -0.58 -30.54 -29.32
CA GLY M 18 -1.98 -30.91 -29.30
C GLY M 18 -2.82 -30.13 -28.32
N ARG M 19 -4.12 -30.23 -28.48
CA ARG M 19 -5.02 -29.44 -27.61
C ARG M 19 -6.21 -30.29 -27.11
N SER M 20 -6.92 -29.78 -26.10
CA SER M 20 -8.09 -30.53 -25.64
C SER M 20 -9.19 -29.56 -25.60
N ILE M 21 -10.32 -30.03 -26.14
CA ILE M 21 -11.51 -29.20 -26.31
C ILE M 21 -12.70 -29.94 -25.66
N ASP M 22 -13.67 -29.14 -25.16
CA ASP M 22 -14.98 -29.68 -24.87
C ASP M 22 -15.91 -29.49 -26.06
N VAL M 23 -16.33 -30.58 -26.69
CA VAL M 23 -17.13 -30.49 -27.89
C VAL M 23 -18.46 -29.73 -27.69
N ASN M 24 -19.12 -29.94 -26.56
CA ASN M 24 -20.44 -29.37 -26.34
C ASN M 24 -20.44 -27.85 -26.32
N ARG M 25 -19.25 -27.26 -26.29
CA ARG M 25 -19.14 -25.84 -26.40
C ARG M 25 -19.42 -25.40 -27.83
N TYR M 26 -19.66 -26.36 -28.69
CA TYR M 26 -19.99 -26.04 -30.07
C TYR M 26 -21.43 -26.41 -30.42
N ARG M 27 -21.96 -25.64 -31.36
CA ARG M 27 -23.31 -25.79 -31.90
C ARG M 27 -23.30 -26.78 -33.03
N GLY M 28 -22.26 -26.77 -33.84
CA GLY M 28 -22.24 -27.71 -34.93
C GLY M 28 -20.88 -27.72 -35.57
N TYR M 29 -20.74 -28.52 -36.60
CA TYR M 29 -19.47 -28.77 -37.25
C TYR M 29 -18.81 -27.49 -37.80
N ASP M 30 -19.56 -26.48 -38.20
CA ASP M 30 -18.92 -25.29 -38.75
C ASP M 30 -18.09 -24.51 -37.77
N GLU M 31 -18.70 -24.22 -36.64
CA GLU M 31 -18.01 -23.68 -35.47
C GLU M 31 -16.71 -24.44 -35.04
N LEU M 32 -16.84 -25.75 -34.88
CA LEU M 32 -15.72 -26.63 -34.69
C LEU M 32 -14.61 -26.53 -35.77
N ARG M 33 -14.92 -26.58 -37.06
CA ARG M 33 -13.87 -26.45 -38.08
C ARG M 33 -13.11 -25.15 -38.05
N HIS M 34 -13.83 -24.04 -37.92
CA HIS M 34 -13.19 -22.73 -37.78
C HIS M 34 -12.26 -22.66 -36.62
N ASP M 35 -12.79 -22.96 -35.43
CA ASP M 35 -12.06 -22.80 -34.20
C ASP M 35 -10.83 -23.68 -34.21
N LEU M 36 -10.99 -24.93 -34.64
CA LEU M 36 -9.82 -25.78 -34.87
C LEU M 36 -8.79 -25.26 -35.89
N ALA M 37 -9.22 -24.91 -37.13
CA ALA M 37 -8.36 -24.25 -38.10
C ALA M 37 -7.55 -23.10 -37.49
N ARG M 38 -8.19 -22.23 -36.69
CA ARG M 38 -7.48 -21.12 -36.04
C ARG M 38 -6.44 -21.61 -35.06
N MSE M 39 -6.87 -22.50 -34.17
CA MSE M 39 -6.01 -23.08 -33.15
C MSE M 39 -4.68 -23.60 -33.67
O MSE M 39 -3.63 -23.44 -33.03
CB MSE M 39 -6.74 -24.20 -32.48
CG MSE M 39 -7.54 -23.75 -31.27
SE MSE M 39 -8.23 -25.35 -30.36
CE MSE M 39 -9.19 -24.36 -28.91
N PHE M 40 -4.75 -24.24 -34.82
CA PHE M 40 -3.56 -24.84 -35.48
C PHE M 40 -3.07 -23.99 -36.64
N GLY M 41 -3.34 -22.69 -36.58
CA GLY M 41 -2.76 -21.72 -37.49
C GLY M 41 -2.81 -22.11 -38.96
N ILE M 42 -3.93 -22.73 -39.34
CA ILE M 42 -4.31 -22.98 -40.76
C ILE M 42 -5.68 -22.41 -41.15
N GLU M 43 -5.98 -21.19 -40.67
CA GLU M 43 -7.24 -20.55 -40.90
C GLU M 43 -7.66 -20.75 -42.32
N GLY M 44 -8.88 -21.22 -42.51
CA GLY M 44 -9.47 -21.31 -43.83
C GLY M 44 -9.07 -22.51 -44.66
N GLN M 45 -8.54 -23.54 -44.05
CA GLN M 45 -8.10 -24.67 -44.86
C GLN M 45 -8.84 -25.95 -44.46
N LEU M 46 -9.87 -25.78 -43.65
CA LEU M 46 -10.62 -26.92 -43.17
C LEU M 46 -12.02 -26.61 -43.74
N TRP M 54 -5.20 -31.49 -46.73
CA TRP M 54 -5.54 -31.79 -45.29
C TRP M 54 -6.92 -32.40 -45.13
N LYS M 55 -7.09 -33.38 -44.24
CA LYS M 55 -8.47 -33.89 -43.94
C LYS M 55 -8.89 -33.65 -42.46
N LEU M 56 -10.14 -33.31 -42.12
CA LEU M 56 -10.36 -33.40 -40.62
C LEU M 56 -11.06 -34.70 -40.18
N VAL M 57 -10.45 -35.48 -39.30
CA VAL M 57 -11.04 -36.82 -38.91
C VAL M 57 -11.16 -37.09 -37.40
N TYR M 58 -11.75 -38.21 -37.03
CA TYR M 58 -11.92 -38.45 -35.62
C TYR M 58 -12.04 -39.91 -35.45
N VAL M 59 -12.06 -40.42 -34.23
CA VAL M 59 -12.03 -41.89 -34.03
C VAL M 59 -13.36 -42.48 -33.54
N ILE M 65 -11.33 -45.13 -37.78
CA ILE M 65 -11.10 -43.70 -38.18
C ILE M 65 -12.09 -43.14 -39.22
N LEU M 66 -12.89 -42.16 -38.80
CA LEU M 66 -13.98 -41.64 -39.63
C LEU M 66 -13.81 -40.16 -39.89
N LEU M 67 -14.35 -39.76 -41.00
CA LEU M 67 -14.34 -38.37 -41.40
C LEU M 67 -15.33 -37.55 -40.60
N VAL M 68 -14.84 -36.46 -40.04
CA VAL M 68 -15.68 -35.58 -39.22
C VAL M 68 -16.79 -34.90 -40.05
N GLY M 69 -18.06 -35.08 -39.63
CA GLY M 69 -19.14 -34.30 -40.18
C GLY M 69 -20.22 -35.11 -40.91
N ASP M 70 -20.04 -36.44 -41.01
CA ASP M 70 -21.06 -37.33 -41.60
C ASP M 70 -22.23 -37.55 -40.66
N ASP M 71 -21.94 -37.83 -39.41
CA ASP M 71 -22.95 -38.11 -38.42
C ASP M 71 -23.68 -36.85 -38.09
N PRO M 72 -24.96 -36.97 -37.65
CA PRO M 72 -25.62 -35.92 -36.87
C PRO M 72 -24.72 -35.48 -35.70
N TRP M 73 -24.76 -34.17 -35.44
CA TRP M 73 -23.92 -33.53 -34.47
C TRP M 73 -24.07 -34.19 -33.12
N GLU M 74 -25.33 -34.34 -32.70
CA GLU M 74 -25.67 -34.92 -31.40
C GLU M 74 -25.12 -36.32 -31.13
N GLU M 75 -24.96 -37.16 -32.17
CA GLU M 75 -24.39 -38.50 -32.00
C GLU M 75 -22.87 -38.39 -31.94
N PHE M 76 -22.38 -37.48 -32.76
CA PHE M 76 -20.99 -37.18 -32.80
C PHE M 76 -20.45 -36.74 -31.45
N VAL M 77 -21.11 -35.84 -30.76
CA VAL M 77 -20.62 -35.44 -29.43
C VAL M 77 -20.65 -36.59 -28.39
N ASN M 78 -21.56 -37.56 -28.56
CA ASN M 78 -21.68 -38.69 -27.64
C ASN M 78 -20.78 -39.83 -27.96
N CYS M 79 -20.12 -39.76 -29.11
CA CYS M 79 -19.26 -40.86 -29.57
C CYS M 79 -17.78 -40.57 -29.73
N VAL M 80 -17.42 -39.30 -29.83
CA VAL M 80 -16.07 -38.90 -30.21
C VAL M 80 -15.06 -39.02 -29.07
N GLN M 81 -13.96 -39.75 -29.33
CA GLN M 81 -12.90 -39.90 -28.33
C GLN M 81 -11.63 -39.09 -28.61
N SER M 82 -11.26 -39.05 -29.90
CA SER M 82 -10.09 -38.30 -30.35
C SER M 82 -10.37 -37.68 -31.70
N ILE M 83 -9.82 -36.52 -31.97
CA ILE M 83 -9.92 -35.92 -33.30
C ILE M 83 -8.55 -35.62 -33.82
N LYS M 84 -8.32 -35.83 -35.11
CA LYS M 84 -6.96 -35.56 -35.67
C LYS M 84 -7.13 -34.67 -36.86
N ILE M 85 -6.09 -33.93 -37.13
CA ILE M 85 -5.92 -33.28 -38.42
C ILE M 85 -4.78 -33.94 -39.23
N LEU M 86 -5.18 -34.78 -40.20
CA LEU M 86 -4.30 -35.52 -41.10
C LEU M 86 -4.03 -34.83 -42.45
N SER M 87 -2.79 -34.99 -42.88
CA SER M 87 -2.40 -34.51 -44.19
C SER M 87 -2.80 -35.50 -45.24
N SER M 88 -2.75 -35.04 -46.49
CA SER M 88 -2.99 -35.88 -47.65
C SER M 88 -2.02 -37.06 -47.64
N ALA M 89 -0.86 -36.81 -47.07
CA ALA M 89 0.21 -37.81 -46.98
C ALA M 89 0.07 -38.84 -45.85
N GLU M 90 -0.65 -38.50 -44.79
CA GLU M 90 -0.77 -39.41 -43.65
C GLU M 90 -1.89 -40.44 -43.79
N VAL M 91 -2.81 -40.19 -44.71
CA VAL M 91 -3.73 -41.23 -45.12
C VAL M 91 -2.98 -42.02 -46.26
N THR N 9 -18.40 25.02 16.94
CA THR N 9 -17.58 24.23 17.90
C THR N 9 -17.29 24.95 19.21
N ALA N 10 -17.69 24.31 20.32
CA ALA N 10 -17.50 24.89 21.67
C ALA N 10 -16.02 24.82 22.12
N VAL N 11 -15.56 25.86 22.78
CA VAL N 11 -14.25 25.79 23.42
C VAL N 11 -14.43 26.24 24.83
N GLN N 12 -13.98 25.46 25.78
CA GLN N 12 -14.24 25.81 27.18
C GLN N 12 -12.97 25.75 27.94
N LYS N 13 -12.90 26.56 29.00
CA LYS N 13 -11.74 26.65 29.87
C LYS N 13 -12.32 26.97 31.20
N ARG N 14 -11.82 26.31 32.21
CA ARG N 14 -12.46 26.43 33.48
C ARG N 14 -12.23 27.85 34.02
N GLY N 15 -13.31 28.37 34.70
CA GLY N 15 -13.44 29.73 35.23
C GLY N 15 -13.64 30.88 34.24
N SER N 16 -13.70 30.53 32.97
CA SER N 16 -13.86 31.47 31.90
C SER N 16 -15.14 31.10 31.20
N VAL N 17 -15.78 32.13 30.67
CA VAL N 17 -16.97 31.92 29.85
C VAL N 17 -16.52 31.33 28.51
N GLY N 18 -17.17 30.22 28.13
CA GLY N 18 -16.83 29.45 26.95
C GLY N 18 -17.15 30.19 25.69
N ARG N 19 -16.63 29.68 24.57
CA ARG N 19 -16.79 30.33 23.28
C ARG N 19 -17.11 29.34 22.17
N SER N 20 -17.56 29.84 21.02
CA SER N 20 -17.79 28.95 19.90
C SER N 20 -17.00 29.49 18.71
N ILE N 21 -16.35 28.60 18.01
CA ILE N 21 -15.68 29.02 16.81
C ILE N 21 -16.15 28.13 15.64
N ASP N 22 -15.95 28.64 14.42
CA ASP N 22 -15.98 27.76 13.26
C ASP N 22 -14.53 27.41 12.88
N VAL N 23 -14.15 26.14 13.02
CA VAL N 23 -12.75 25.79 12.76
C VAL N 23 -12.27 25.99 11.33
N ASN N 24 -13.16 25.98 10.36
CA ASN N 24 -12.79 26.20 8.96
C ASN N 24 -12.34 27.62 8.63
N ARG N 25 -12.46 28.52 9.58
CA ARG N 25 -11.98 29.86 9.40
C ARG N 25 -10.49 29.87 9.70
N TYR N 26 -9.92 28.72 9.96
CA TYR N 26 -8.48 28.65 10.12
C TYR N 26 -7.67 27.82 9.02
N TYR N 29 -3.13 24.78 12.66
CA TYR N 29 -3.10 24.77 14.13
C TYR N 29 -2.50 26.04 14.73
N ASP N 30 -1.65 26.74 14.03
CA ASP N 30 -0.98 27.88 14.65
C ASP N 30 -1.94 29.04 14.83
N GLU N 31 -2.63 29.32 13.75
CA GLU N 31 -3.71 30.29 13.75
C GLU N 31 -4.70 30.08 14.89
N LEU N 32 -5.19 28.85 14.99
CA LEU N 32 -6.07 28.39 16.05
C LEU N 32 -5.51 28.57 17.48
N ARG N 33 -4.30 28.11 17.75
CA ARG N 33 -3.72 28.38 19.05
C ARG N 33 -3.62 29.84 19.40
N HIS N 34 -3.16 30.70 18.47
CA HIS N 34 -3.07 32.14 18.75
C HIS N 34 -4.40 32.73 19.11
N ASP N 35 -5.35 32.53 18.20
CA ASP N 35 -6.64 33.15 18.34
C ASP N 35 -7.34 32.72 19.66
N LEU N 36 -7.21 31.43 20.00
CA LEU N 36 -7.72 30.90 21.29
C LEU N 36 -7.00 31.48 22.50
N ALA N 37 -5.66 31.47 22.49
CA ALA N 37 -4.88 32.18 23.50
C ALA N 37 -5.36 33.66 23.74
N ARG N 38 -5.65 34.38 22.67
CA ARG N 38 -6.11 35.75 22.83
C ARG N 38 -7.47 35.79 23.44
N MSE N 39 -8.38 34.99 22.88
CA MSE N 39 -9.77 34.91 23.37
C MSE N 39 -9.98 34.62 24.86
O MSE N 39 -10.98 35.06 25.45
CB MSE N 39 -10.50 33.82 22.67
CG MSE N 39 -11.14 34.23 21.42
SE MSE N 39 -12.02 32.64 20.72
CE MSE N 39 -12.60 33.58 19.01
N PHE N 40 -9.07 33.84 25.44
CA PHE N 40 -9.09 33.53 26.88
C PHE N 40 -8.02 34.25 27.66
N GLY N 41 -7.60 35.40 27.12
CA GLY N 41 -6.63 36.25 27.73
C GLY N 41 -5.43 35.53 28.29
N ILE N 42 -4.89 34.56 27.54
CA ILE N 42 -3.64 33.91 27.90
C ILE N 42 -2.68 33.86 26.71
N LYS N 55 -1.97 22.34 28.39
CA LYS N 55 -2.75 21.38 27.58
C LYS N 55 -4.01 21.93 26.83
N LEU N 56 -3.89 21.93 25.50
CA LEU N 56 -5.04 22.06 24.64
C LEU N 56 -5.44 20.65 24.20
N VAL N 57 -6.61 20.22 24.65
CA VAL N 57 -7.21 18.93 24.28
C VAL N 57 -8.54 19.10 23.52
N TYR N 58 -9.15 18.01 23.11
CA TYR N 58 -10.29 18.10 22.26
C TYR N 58 -11.00 16.74 22.18
N VAL N 59 -12.25 16.71 21.67
CA VAL N 59 -13.03 15.47 21.74
C VAL N 59 -13.45 15.03 20.36
N ALA N 60 -13.27 13.77 20.00
CA ALA N 60 -13.68 13.40 18.65
C ALA N 60 -15.20 13.22 18.60
N ALA N 64 -13.99 10.51 23.64
CA ALA N 64 -12.53 10.35 23.97
C ALA N 64 -11.47 11.52 23.73
N ILE N 65 -10.68 11.85 24.76
CA ILE N 65 -9.92 13.13 24.81
C ILE N 65 -8.49 13.10 24.17
N LEU N 66 -8.26 13.92 23.14
CA LEU N 66 -6.97 13.90 22.42
C LEU N 66 -6.25 15.22 22.45
N LEU N 67 -4.94 15.20 22.29
CA LEU N 67 -4.17 16.44 22.32
C LEU N 67 -4.33 17.14 20.95
N VAL N 68 -4.64 18.43 20.94
CA VAL N 68 -4.83 19.09 19.67
C VAL N 68 -3.51 19.27 18.95
N GLY N 69 -3.43 18.80 17.68
CA GLY N 69 -2.26 19.04 16.84
C GLY N 69 -1.56 17.81 16.27
N ASP N 70 -1.91 16.63 16.73
CA ASP N 70 -1.30 15.39 16.22
C ASP N 70 -1.79 14.99 14.84
N ASP N 71 -3.11 15.04 14.63
CA ASP N 71 -3.70 14.77 13.33
C ASP N 71 -3.39 15.86 12.28
N PRO N 72 -3.39 15.44 11.01
CA PRO N 72 -3.45 16.39 9.91
C PRO N 72 -4.64 17.30 10.16
N TRP N 73 -4.49 18.56 9.75
CA TRP N 73 -5.49 19.57 9.97
C TRP N 73 -6.83 19.15 9.41
N GLU N 74 -6.82 18.70 8.15
CA GLU N 74 -8.03 18.37 7.39
C GLU N 74 -8.88 17.29 8.02
N GLU N 75 -8.26 16.38 8.74
CA GLU N 75 -9.03 15.35 9.43
C GLU N 75 -9.60 15.97 10.72
N PHE N 76 -8.78 16.85 11.27
CA PHE N 76 -9.10 17.47 12.50
C PHE N 76 -10.38 18.27 12.35
N VAL N 77 -10.49 19.04 11.29
CA VAL N 77 -11.73 19.81 11.11
C VAL N 77 -13.00 18.91 10.94
N ASN N 78 -12.83 17.72 10.40
CA ASN N 78 -13.97 16.84 10.12
C ASN N 78 -14.37 16.01 11.30
N CYS N 79 -13.57 16.04 12.36
CA CYS N 79 -13.82 15.14 13.44
C CYS N 79 -14.01 15.81 14.77
N VAL N 80 -13.78 17.10 14.83
CA VAL N 80 -13.69 17.79 16.14
C VAL N 80 -15.07 18.20 16.70
N GLN N 81 -15.41 17.83 17.92
CA GLN N 81 -16.69 18.21 18.41
C GLN N 81 -16.62 19.29 19.48
N SER N 82 -15.53 19.30 20.22
CA SER N 82 -15.44 20.24 21.33
C SER N 82 -13.99 20.40 21.56
N ILE N 83 -13.57 21.57 22.03
CA ILE N 83 -12.15 21.78 22.37
C ILE N 83 -12.14 22.24 23.78
N LYS N 84 -11.12 21.83 24.57
CA LYS N 84 -10.96 22.28 26.00
C LYS N 84 -9.55 22.72 26.31
N ILE N 85 -9.46 23.76 27.14
CA ILE N 85 -8.20 24.22 27.69
C ILE N 85 -8.07 23.73 29.11
N LEU N 86 -7.36 22.62 29.24
CA LEU N 86 -7.06 22.05 30.53
C LEU N 86 -5.77 22.57 31.19
N SER N 87 -5.86 22.81 32.49
CA SER N 87 -4.67 23.13 33.28
C SER N 87 -3.82 21.86 33.60
N SER N 88 -2.59 22.08 34.07
CA SER N 88 -1.73 20.99 34.50
C SER N 88 -2.45 20.18 35.59
N ALA N 89 -3.29 20.88 36.34
CA ALA N 89 -4.03 20.28 37.45
C ALA N 89 -5.27 19.51 37.04
N GLU N 90 -5.89 19.87 35.93
CA GLU N 90 -7.10 19.17 35.53
C GLU N 90 -6.80 17.81 34.86
N VAL N 91 -5.57 17.61 34.37
CA VAL N 91 -5.19 16.33 33.80
C VAL N 91 -4.73 15.46 34.94
N GLN N 92 -4.29 16.09 36.02
CA GLN N 92 -3.81 15.37 37.19
C GLN N 92 -4.88 14.41 37.73
N GLN N 93 -4.59 13.12 37.66
CA GLN N 93 -5.52 12.10 38.14
C GLN N 93 -6.86 12.20 37.42
N MSE N 94 -6.81 12.50 36.12
CA MSE N 94 -8.02 12.62 35.32
C MSE N 94 -8.99 11.48 35.62
O MSE N 94 -8.58 10.36 35.91
CB MSE N 94 -7.65 12.60 33.84
CG MSE N 94 -6.88 13.83 33.38
SE MSE N 94 -6.33 13.79 31.55
CE MSE N 94 -8.08 14.06 30.72
N TYR O 8 -12.53 -3.98 -0.57
CA TYR O 8 -12.78 -5.29 -1.16
C TYR O 8 -13.46 -5.15 -2.52
N THR O 9 -13.84 -6.30 -3.09
CA THR O 9 -14.51 -6.31 -4.44
C THR O 9 -15.87 -7.05 -4.54
N ALA O 10 -16.91 -6.34 -4.84
CA ALA O 10 -18.20 -7.03 -4.96
C ALA O 10 -18.28 -8.07 -6.12
N VAL O 11 -18.95 -9.20 -5.91
CA VAL O 11 -19.19 -10.06 -7.03
C VAL O 11 -20.67 -10.32 -7.05
N GLN O 12 -21.34 -10.12 -8.19
CA GLN O 12 -22.76 -10.28 -8.22
C GLN O 12 -23.20 -11.21 -9.27
N LYS O 13 -24.33 -11.90 -9.05
CA LYS O 13 -24.86 -12.87 -10.05
C LYS O 13 -26.31 -12.90 -9.84
N ARG O 14 -27.07 -12.75 -10.91
CA ARG O 14 -28.47 -12.49 -10.77
C ARG O 14 -29.14 -13.66 -10.06
N GLY O 15 -30.04 -13.33 -9.10
CA GLY O 15 -30.81 -14.31 -8.37
C GLY O 15 -29.99 -15.04 -7.32
N SER O 16 -28.81 -14.52 -7.05
CA SER O 16 -28.02 -15.06 -5.96
C SER O 16 -27.65 -13.91 -5.08
N VAL O 17 -27.41 -14.19 -3.81
CA VAL O 17 -26.83 -13.18 -2.94
C VAL O 17 -25.39 -12.84 -3.37
N GLY O 18 -25.08 -11.54 -3.49
CA GLY O 18 -23.76 -11.08 -3.89
C GLY O 18 -22.72 -11.35 -2.84
N ARG O 19 -21.44 -11.29 -3.23
CA ARG O 19 -20.30 -11.58 -2.27
C ARG O 19 -19.20 -10.55 -2.45
N SER O 20 -18.25 -10.51 -1.53
CA SER O 20 -17.06 -9.64 -1.63
C SER O 20 -15.82 -10.47 -1.39
N ILE O 21 -14.89 -10.35 -2.32
CA ILE O 21 -13.59 -11.05 -2.22
C ILE O 21 -12.44 -10.08 -2.27
N ASP O 22 -11.37 -10.45 -1.60
CA ASP O 22 -10.13 -9.73 -1.83
C ASP O 22 -9.40 -10.46 -2.95
N VAL O 23 -9.37 -9.87 -4.15
CA VAL O 23 -8.66 -10.53 -5.25
C VAL O 23 -7.18 -10.91 -5.02
N ASN O 24 -6.49 -10.26 -4.07
CA ASN O 24 -5.07 -10.51 -3.80
C ASN O 24 -4.83 -11.81 -3.09
N ARG O 25 -5.93 -12.44 -2.68
CA ARG O 25 -5.86 -13.78 -2.13
C ARG O 25 -5.36 -14.68 -3.25
N TYR O 26 -5.82 -14.40 -4.47
CA TYR O 26 -5.55 -15.29 -5.61
C TYR O 26 -4.19 -15.11 -6.38
N ARG O 27 -3.74 -16.23 -6.91
CA ARG O 27 -2.50 -16.31 -7.65
C ARG O 27 -2.81 -15.94 -9.10
N GLY O 28 -4.00 -16.27 -9.55
CA GLY O 28 -4.42 -15.85 -10.88
C GLY O 28 -5.83 -16.28 -11.27
N TYR O 29 -6.12 -16.19 -12.57
CA TYR O 29 -7.48 -16.29 -13.09
C TYR O 29 -8.11 -17.64 -12.88
N ASP O 30 -7.30 -18.71 -12.83
CA ASP O 30 -7.83 -20.07 -12.57
C ASP O 30 -8.46 -20.29 -11.20
N GLU O 31 -7.67 -19.91 -10.21
CA GLU O 31 -8.07 -19.94 -8.82
C GLU O 31 -9.38 -19.14 -8.62
N LEU O 32 -9.37 -17.94 -9.20
CA LEU O 32 -10.50 -17.11 -9.19
C LEU O 32 -11.71 -17.75 -9.79
N ARG O 33 -11.61 -18.24 -11.00
CA ARG O 33 -12.78 -18.93 -11.52
C ARG O 33 -13.32 -20.10 -10.71
N HIS O 34 -12.45 -20.98 -10.25
CA HIS O 34 -12.89 -22.06 -9.39
C HIS O 34 -13.63 -21.63 -8.15
N ASP O 35 -12.93 -20.82 -7.36
CA ASP O 35 -13.48 -20.30 -6.12
C ASP O 35 -14.82 -19.58 -6.31
N LEU O 36 -14.90 -18.72 -7.32
CA LEU O 36 -16.19 -18.14 -7.66
C LEU O 36 -17.25 -19.18 -8.04
N ALA O 37 -16.91 -20.09 -8.94
CA ALA O 37 -17.83 -21.16 -9.31
C ALA O 37 -18.45 -21.86 -8.12
N ARG O 38 -17.61 -22.23 -7.17
CA ARG O 38 -18.10 -22.88 -5.96
C ARG O 38 -19.00 -21.98 -5.12
N MSE O 39 -18.55 -20.76 -4.89
CA MSE O 39 -19.33 -19.81 -4.15
C MSE O 39 -20.74 -19.55 -4.59
O MSE O 39 -21.58 -19.20 -3.79
CB MSE O 39 -18.67 -18.46 -4.17
CG MSE O 39 -17.79 -18.14 -2.99
SE MSE O 39 -16.88 -16.44 -3.20
CE MSE O 39 -15.70 -16.63 -1.68
N PHE O 40 -20.96 -19.62 -5.89
CA PHE O 40 -22.31 -19.44 -6.43
C PHE O 40 -22.87 -20.74 -6.97
N GLY O 41 -22.54 -21.85 -6.30
CA GLY O 41 -23.04 -23.22 -6.60
C GLY O 41 -23.25 -23.60 -8.06
N ILE O 42 -22.27 -23.22 -8.92
CA ILE O 42 -22.10 -23.62 -10.34
C ILE O 42 -20.67 -24.17 -10.64
N GLU O 43 -20.16 -25.07 -9.78
CA GLU O 43 -18.89 -25.81 -9.95
C GLU O 43 -18.79 -26.40 -11.35
N GLY O 44 -17.65 -26.15 -11.98
CA GLY O 44 -17.37 -26.61 -13.33
C GLY O 44 -18.07 -25.88 -14.49
N GLN O 45 -18.62 -24.69 -14.30
CA GLN O 45 -19.28 -23.99 -15.39
C GLN O 45 -18.64 -22.64 -15.70
N LEU O 46 -17.60 -22.29 -14.97
CA LEU O 46 -16.90 -21.07 -15.22
C LEU O 46 -15.53 -21.43 -15.53
N GLU O 47 -15.18 -22.64 -15.11
CA GLU O 47 -13.80 -22.96 -15.25
C GLU O 47 -13.30 -22.82 -16.78
N ASP O 48 -14.18 -23.05 -17.80
CA ASP O 48 -13.91 -22.77 -19.22
C ASP O 48 -13.06 -23.93 -19.80
N TRP O 54 -22.27 -19.25 -19.43
CA TRP O 54 -21.81 -18.14 -18.45
C TRP O 54 -20.59 -17.21 -18.73
N LYS O 55 -20.81 -15.90 -18.69
CA LYS O 55 -19.72 -14.95 -19.00
C LYS O 55 -19.32 -14.20 -17.71
N LEU O 56 -18.01 -14.22 -17.42
CA LEU O 56 -17.55 -13.64 -16.18
C LEU O 56 -16.90 -12.24 -16.47
N VAL O 57 -17.54 -11.14 -16.03
CA VAL O 57 -17.08 -9.80 -16.49
C VAL O 57 -16.69 -8.90 -15.34
N TYR O 58 -15.86 -7.92 -15.57
CA TYR O 58 -15.66 -6.94 -14.50
C TYR O 58 -15.85 -5.50 -14.97
N VAL O 59 -15.56 -4.48 -14.09
CA VAL O 59 -15.73 -3.06 -14.41
C VAL O 59 -14.54 -2.09 -14.29
N GLU O 62 -12.97 3.04 -14.98
CA GLU O 62 -14.09 3.79 -15.54
C GLU O 62 -15.41 3.05 -15.32
N ASN O 63 -16.35 3.26 -16.24
CA ASN O 63 -17.68 2.60 -16.15
C ASN O 63 -18.02 1.43 -17.12
N ALA O 64 -16.95 0.75 -17.58
CA ALA O 64 -16.97 -0.22 -18.68
C ALA O 64 -17.02 -1.73 -18.26
N ILE O 65 -17.63 -2.53 -19.14
CA ILE O 65 -17.70 -3.95 -18.92
C ILE O 65 -16.74 -4.77 -19.75
N LEU O 66 -15.81 -5.45 -19.09
CA LEU O 66 -14.80 -6.20 -19.81
C LEU O 66 -14.80 -7.63 -19.40
N LEU O 67 -14.31 -8.49 -20.29
CA LEU O 67 -14.25 -9.94 -20.07
C LEU O 67 -13.05 -10.20 -19.16
N VAL O 68 -13.25 -10.94 -18.07
CA VAL O 68 -12.20 -11.20 -17.10
C VAL O 68 -11.36 -12.25 -17.76
N GLY O 69 -10.04 -11.99 -17.76
CA GLY O 69 -9.10 -12.98 -18.25
C GLY O 69 -8.15 -12.50 -19.33
N ASP O 70 -8.44 -11.34 -19.93
CA ASP O 70 -7.60 -10.75 -21.01
C ASP O 70 -6.35 -10.07 -20.54
N ASP O 71 -6.49 -9.25 -19.53
CA ASP O 71 -5.36 -8.54 -18.99
C ASP O 71 -4.48 -9.48 -18.19
N PRO O 72 -3.20 -9.11 -18.06
CA PRO O 72 -2.28 -9.66 -17.09
C PRO O 72 -2.94 -9.54 -15.75
N TRP O 73 -2.66 -10.50 -14.88
CA TRP O 73 -3.28 -10.65 -13.60
C TRP O 73 -2.99 -9.44 -12.76
N GLU O 74 -1.72 -9.02 -12.75
CA GLU O 74 -1.24 -7.90 -11.93
C GLU O 74 -1.89 -6.57 -12.25
N GLU O 75 -2.25 -6.34 -13.50
CA GLU O 75 -2.97 -5.14 -13.85
C GLU O 75 -4.41 -5.30 -13.42
N PHE O 76 -4.91 -6.51 -13.60
CA PHE O 76 -6.28 -6.79 -13.28
C PHE O 76 -6.63 -6.51 -11.81
N VAL O 77 -5.78 -6.99 -10.91
CA VAL O 77 -6.02 -6.71 -9.48
C VAL O 77 -5.92 -5.22 -9.09
N ASN O 78 -5.28 -4.40 -9.94
CA ASN O 78 -5.12 -2.94 -9.68
C ASN O 78 -6.18 -2.08 -10.28
N CYS O 79 -7.09 -2.70 -11.02
CA CYS O 79 -8.05 -1.97 -11.86
C CYS O 79 -9.49 -2.38 -11.60
N VAL O 80 -9.65 -3.49 -10.88
CA VAL O 80 -10.96 -4.16 -10.86
C VAL O 80 -11.83 -3.56 -9.77
N GLN O 81 -13.03 -3.11 -10.11
CA GLN O 81 -13.89 -2.54 -9.10
C GLN O 81 -15.08 -3.41 -8.71
N SER O 82 -15.59 -4.15 -9.67
CA SER O 82 -16.77 -4.98 -9.47
C SER O 82 -16.66 -6.17 -10.46
N ILE O 83 -17.11 -7.33 -10.05
CA ILE O 83 -17.14 -8.49 -10.94
C ILE O 83 -18.58 -8.96 -11.09
N LYS O 84 -19.05 -9.29 -12.29
CA LYS O 84 -20.35 -9.91 -12.48
C LYS O 84 -20.29 -11.29 -13.13
N ILE O 85 -21.24 -12.11 -12.74
CA ILE O 85 -21.49 -13.33 -13.46
C ILE O 85 -22.78 -13.19 -14.30
N LEU O 86 -22.56 -13.07 -15.61
CA LEU O 86 -23.65 -12.86 -16.60
C LEU O 86 -24.06 -14.15 -17.28
N SER O 87 -25.36 -14.26 -17.47
CA SER O 87 -25.92 -15.32 -18.29
C SER O 87 -25.86 -14.95 -19.79
N SER O 88 -26.02 -15.95 -20.62
CA SER O 88 -26.09 -15.70 -22.05
C SER O 88 -27.22 -14.74 -22.36
N ALA O 89 -28.24 -14.79 -21.53
CA ALA O 89 -29.37 -13.91 -21.69
C ALA O 89 -29.15 -12.47 -21.25
N GLU O 90 -28.20 -12.20 -20.37
CA GLU O 90 -28.07 -10.85 -19.83
C GLU O 90 -27.17 -9.99 -20.69
N VAL O 91 -26.45 -10.65 -21.58
CA VAL O 91 -25.63 -9.94 -22.55
C VAL O 91 -26.46 -9.54 -23.76
N GLN O 92 -27.69 -9.96 -23.84
CA GLN O 92 -28.46 -9.28 -24.86
C GLN O 92 -29.09 -8.00 -24.27
N GLN O 93 -29.48 -7.09 -25.14
CA GLN O 93 -29.96 -5.79 -24.71
C GLN O 93 -28.99 -5.09 -23.74
N MSE O 94 -27.70 -5.16 -24.02
CA MSE O 94 -26.78 -4.42 -23.18
C MSE O 94 -26.73 -2.98 -23.63
O MSE O 94 -26.74 -2.10 -22.80
CB MSE O 94 -25.40 -5.06 -23.16
CG MSE O 94 -25.28 -6.19 -22.16
SE MSE O 94 -23.48 -6.91 -22.03
CE MSE O 94 -22.50 -5.50 -20.97
N THR P 7 25.33 13.33 22.99
CA THR P 7 26.30 13.56 24.06
C THR P 7 26.12 14.91 24.72
N TYR P 8 25.90 15.94 23.89
CA TYR P 8 25.71 17.31 24.41
C TYR P 8 24.39 17.38 25.11
N THR P 9 24.37 18.34 25.96
CA THR P 9 23.25 18.53 26.83
C THR P 9 22.41 19.70 26.34
N ALA P 10 21.13 19.45 26.05
CA ALA P 10 20.26 20.57 25.62
C ALA P 10 20.02 21.55 26.78
N VAL P 11 20.07 22.82 26.48
CA VAL P 11 19.57 23.83 27.41
C VAL P 11 18.43 24.68 26.83
N GLN P 12 17.27 24.72 27.50
CA GLN P 12 16.12 25.37 26.92
C GLN P 12 15.62 26.40 27.82
N LYS P 13 15.04 27.46 27.23
CA LYS P 13 14.46 28.60 27.97
C LYS P 13 13.32 28.99 27.13
N ARG P 14 12.15 29.20 27.71
CA ARG P 14 11.01 29.58 26.94
C ARG P 14 11.15 30.96 26.20
N GLY P 15 10.69 31.01 24.92
CA GLY P 15 10.81 32.19 24.06
C GLY P 15 12.19 32.50 23.47
N SER P 16 13.13 31.57 23.68
CA SER P 16 14.52 31.64 23.23
C SER P 16 14.83 30.36 22.50
N VAL P 17 15.72 30.48 21.51
CA VAL P 17 16.23 29.33 20.75
C VAL P 17 17.14 28.57 21.70
N GLY P 18 17.00 27.24 21.73
CA GLY P 18 17.71 26.42 22.68
C GLY P 18 19.13 26.11 22.21
N ARG P 19 19.99 25.63 23.11
CA ARG P 19 21.40 25.50 22.80
C ARG P 19 21.86 24.16 23.31
N SER P 20 23.08 23.76 23.02
CA SER P 20 23.58 22.50 23.55
C SER P 20 24.96 22.77 24.01
N ILE P 21 25.27 22.37 25.24
CA ILE P 21 26.60 22.58 25.77
C ILE P 21 27.29 21.26 26.19
N ASP P 22 28.62 21.19 26.13
CA ASP P 22 29.29 20.10 26.83
C ASP P 22 29.56 20.53 28.28
N VAL P 23 28.86 19.95 29.25
CA VAL P 23 29.12 20.37 30.64
C VAL P 23 30.55 20.15 31.16
N ASN P 24 31.33 19.23 30.56
CA ASN P 24 32.69 18.97 31.04
C ASN P 24 33.67 20.08 30.75
N ARG P 25 33.24 21.04 29.95
CA ARG P 25 34.05 22.22 29.70
C ARG P 25 34.23 22.90 31.04
N TYR P 26 33.17 22.85 31.84
CA TYR P 26 33.06 23.69 33.08
C TYR P 26 33.66 23.10 34.33
N ARG P 27 34.14 23.99 35.18
CA ARG P 27 34.90 23.57 36.33
C ARG P 27 33.86 23.38 37.41
N GLY P 28 32.73 24.07 37.25
CA GLY P 28 31.71 23.97 38.26
C GLY P 28 30.53 24.87 37.98
N TYR P 29 29.63 24.94 38.96
CA TYR P 29 28.37 25.69 38.84
C TYR P 29 28.49 27.22 38.60
N ASP P 30 29.52 27.88 39.07
CA ASP P 30 29.61 29.30 38.78
C ASP P 30 29.82 29.62 37.31
N GLU P 31 30.82 28.96 36.74
CA GLU P 31 31.18 29.08 35.32
C GLU P 31 29.97 28.80 34.45
N LEU P 32 29.32 27.69 34.80
CA LEU P 32 28.04 27.32 34.20
C LEU P 32 26.94 28.39 34.26
N ARG P 33 26.61 28.91 35.43
CA ARG P 33 25.60 29.96 35.48
C ARG P 33 25.93 31.22 34.70
N HIS P 34 27.20 31.65 34.73
CA HIS P 34 27.60 32.82 33.94
C HIS P 34 27.41 32.59 32.48
N ASP P 35 28.05 31.53 32.00
CA ASP P 35 28.05 31.28 30.58
C ASP P 35 26.64 31.12 30.01
N LEU P 36 25.79 30.38 30.73
CA LEU P 36 24.39 30.30 30.41
C LEU P 36 23.67 31.64 30.47
N ALA P 37 23.87 32.42 31.54
CA ALA P 37 23.30 33.81 31.59
C ALA P 37 23.62 34.70 30.36
N ARG P 38 24.86 34.66 29.92
CA ARG P 38 25.27 35.38 28.74
C ARG P 38 24.63 34.84 27.46
N MSE P 39 24.65 33.52 27.29
CA MSE P 39 24.06 32.87 26.11
C MSE P 39 22.63 33.22 25.80
O MSE P 39 22.24 33.23 24.65
CB MSE P 39 24.15 31.37 26.22
CG MSE P 39 25.37 30.75 25.58
SE MSE P 39 25.44 28.87 25.94
CE MSE P 39 27.13 28.38 25.10
N PHE P 40 21.83 33.41 26.83
CA PHE P 40 20.41 33.70 26.70
C PHE P 40 20.21 35.15 27.12
N GLY P 41 21.23 35.99 26.96
CA GLY P 41 21.05 37.42 27.15
C GLY P 41 20.38 37.89 28.45
N ILE P 42 20.65 37.18 29.57
CA ILE P 42 20.18 37.61 30.88
C ILE P 42 21.32 37.71 31.93
N GLU P 43 22.47 38.26 31.48
CA GLU P 43 23.69 38.46 32.29
C GLU P 43 23.35 39.03 33.63
N GLY P 44 23.91 38.39 34.65
CA GLY P 44 23.65 38.78 36.03
C GLY P 44 22.28 38.46 36.65
N GLN P 45 21.56 37.52 36.10
CA GLN P 45 20.27 37.20 36.63
C GLN P 45 20.18 35.74 36.99
N LEU P 46 21.28 35.00 36.74
CA LEU P 46 21.41 33.62 37.22
C LEU P 46 22.49 33.49 38.32
N GLU P 47 23.26 34.55 38.49
CA GLU P 47 24.46 34.57 39.33
C GLU P 47 24.23 34.37 40.84
N ASP P 48 23.23 35.05 41.39
CA ASP P 48 22.78 34.74 42.74
C ASP P 48 21.38 33.95 42.68
N PRO P 49 21.36 32.66 43.07
CA PRO P 49 20.03 32.14 43.50
C PRO P 49 19.65 32.41 45.03
N TRP P 54 14.80 34.21 38.31
CA TRP P 54 14.90 32.95 37.50
C TRP P 54 15.40 31.63 38.15
N LYS P 55 14.75 30.53 37.76
CA LYS P 55 15.19 29.20 38.21
C LYS P 55 15.96 28.41 37.09
N LEU P 56 17.18 28.02 37.43
CA LEU P 56 17.94 27.04 36.60
C LEU P 56 17.86 25.54 37.07
N VAL P 57 16.99 24.78 36.45
CA VAL P 57 16.74 23.42 36.92
C VAL P 57 17.34 22.44 35.92
N TYR P 58 17.46 21.19 36.32
CA TYR P 58 17.64 20.13 35.33
C TYR P 58 16.77 18.87 35.45
N VAL P 59 17.19 17.89 34.66
CA VAL P 59 16.52 16.59 34.57
C VAL P 59 17.49 15.47 34.86
N ALA P 60 17.03 14.65 35.82
CA ALA P 60 17.60 13.39 36.21
C ALA P 60 17.00 12.31 35.33
N HIS P 61 17.31 11.07 35.65
CA HIS P 61 17.02 9.91 34.75
C HIS P 61 15.51 9.60 34.75
N GLU P 62 14.90 9.90 35.90
CA GLU P 62 13.54 9.49 36.26
C GLU P 62 12.51 10.54 35.85
N ASN P 63 12.85 11.36 34.85
CA ASN P 63 12.13 12.61 34.61
C ASN P 63 11.82 13.36 35.93
N ALA P 64 12.80 13.50 36.86
CA ALA P 64 12.66 14.44 38.04
C ALA P 64 13.25 15.79 37.73
N ILE P 65 12.46 16.85 37.87
CA ILE P 65 13.06 18.15 37.79
C ILE P 65 13.76 18.60 39.12
N LEU P 66 15.05 18.92 39.00
CA LEU P 66 15.81 19.28 40.19
C LEU P 66 16.51 20.64 40.00
N LEU P 67 16.74 21.33 41.11
CA LEU P 67 17.43 22.61 41.09
C LEU P 67 18.89 22.38 40.86
N VAL P 68 19.46 23.10 39.87
CA VAL P 68 20.88 22.95 39.55
C VAL P 68 21.80 23.59 40.63
N GLY P 69 22.73 22.83 41.19
CA GLY P 69 23.55 23.37 42.24
C GLY P 69 23.61 22.62 43.55
N ASP P 70 22.74 21.64 43.82
CA ASP P 70 22.70 20.90 45.10
C ASP P 70 23.75 19.79 45.18
N ASP P 71 23.84 18.99 44.11
CA ASP P 71 24.75 17.86 44.06
C ASP P 71 26.14 18.37 43.88
N PRO P 72 27.12 17.57 44.27
CA PRO P 72 28.55 17.77 43.96
C PRO P 72 28.59 17.86 42.48
N TRP P 73 29.54 18.62 41.96
CA TRP P 73 29.61 18.94 40.53
C TRP P 73 29.79 17.63 39.73
N GLU P 74 30.72 16.79 40.19
CA GLU P 74 31.11 15.54 39.56
C GLU P 74 29.96 14.57 39.35
N GLU P 75 29.00 14.57 40.26
CA GLU P 75 27.83 13.69 40.12
C GLU P 75 26.91 14.31 39.10
N PHE P 76 26.84 15.61 39.14
CA PHE P 76 25.97 16.37 38.32
C PHE P 76 26.31 16.22 36.84
N VAL P 77 27.60 16.23 36.51
CA VAL P 77 28.00 15.99 35.10
C VAL P 77 27.75 14.53 34.62
N ASN P 78 27.65 13.57 35.54
CA ASN P 78 27.37 12.18 35.16
C ASN P 78 25.89 11.85 35.06
N CYS P 79 25.04 12.77 35.48
CA CYS P 79 23.63 12.45 35.67
C CYS P 79 22.72 13.34 34.86
N VAL P 80 23.27 14.39 34.26
CA VAL P 80 22.40 15.44 33.74
C VAL P 80 22.03 15.09 32.34
N GLN P 81 20.76 15.25 31.99
CA GLN P 81 20.30 15.00 30.62
C GLN P 81 19.80 16.25 29.89
N SER P 82 19.04 17.07 30.59
CA SER P 82 18.52 18.32 30.08
C SER P 82 18.59 19.42 31.17
N ILE P 83 18.77 20.65 30.74
CA ILE P 83 18.79 21.82 31.61
C ILE P 83 17.75 22.79 31.12
N LYS P 84 17.01 23.40 32.05
CA LYS P 84 16.01 24.41 31.68
C LYS P 84 16.16 25.64 32.53
N ILE P 85 15.81 26.76 31.91
CA ILE P 85 15.76 28.01 32.62
C ILE P 85 14.34 28.38 32.69
N LEU P 86 13.77 28.18 33.91
CA LEU P 86 12.35 28.43 34.24
C LEU P 86 12.11 29.80 34.86
N SER P 87 10.99 30.42 34.49
CA SER P 87 10.47 31.64 35.15
C SER P 87 9.68 31.44 36.47
#